data_9JUE
#
_entry.id   9JUE
#
_cell.length_a   71.692
_cell.length_b   88.909
_cell.length_c   112.416
_cell.angle_alpha   90.000
_cell.angle_beta   90.000
_cell.angle_gamma   90.000
#
_symmetry.space_group_name_H-M   'P 21 21 21'
#
loop_
_entity.id
_entity.type
_entity.pdbx_description
1 polymer 'Roadblock/LC7 domain protein'
2 non-polymer '4-(2-HYDROXYETHYL)-1-PIPERAZINE ETHANESULFONIC ACID'
3 water water
#
_entity_poly.entity_id   1
_entity_poly.type   'polypeptide(L)'
_entity_poly.pdbx_seq_one_letter_code
;MQNIDTAPKAHTDKLWYILQELTSNRGDIQGCTIVTTQGLPITSLLADDANVSLISAMSAAIISVAESASQELQRGYLQR
ILLEGELGTIIISKAGPHAILVSLVDKDAKLGIILMLIDKAIKQIAELMDA
;
_entity_poly.pdbx_strand_id   D,C,B,A,F,E
#
loop_
_chem_comp.id
_chem_comp.type
_chem_comp.name
_chem_comp.formula
EPE non-polymer '4-(2-HYDROXYETHYL)-1-PIPERAZINE ETHANESULFONIC ACID' 'C8 H18 N2 O4 S'
#
# COMPACT_ATOMS: atom_id res chain seq x y z
N THR A 12 -6.77 8.52 -26.60
CA THR A 12 -5.75 7.52 -26.88
C THR A 12 -4.85 7.97 -28.02
N ASP A 13 -5.44 8.68 -28.99
CA ASP A 13 -4.66 9.15 -30.13
C ASP A 13 -3.63 10.19 -29.70
N LYS A 14 -4.03 11.15 -28.86
CA LYS A 14 -3.10 12.16 -28.38
C LYS A 14 -1.98 11.54 -27.57
N LEU A 15 -2.31 10.57 -26.71
CA LEU A 15 -1.28 9.88 -25.94
C LEU A 15 -0.31 9.14 -26.85
N TRP A 16 -0.85 8.46 -27.87
CA TRP A 16 0.05 7.76 -28.78
C TRP A 16 0.92 8.73 -29.56
N TYR A 17 0.42 9.93 -29.85
CA TYR A 17 1.26 10.93 -30.51
C TYR A 17 2.36 11.43 -29.59
N ILE A 18 2.05 11.58 -28.30
CA ILE A 18 3.10 11.89 -27.33
C ILE A 18 4.18 10.82 -27.38
N LEU A 19 3.78 9.56 -27.40
CA LEU A 19 4.75 8.47 -27.47
C LEU A 19 5.54 8.51 -28.78
N GLN A 20 4.86 8.84 -29.88
CA GLN A 20 5.53 8.92 -31.18
C GLN A 20 6.63 9.97 -31.14
N GLU A 21 6.30 11.16 -30.65
CA GLU A 21 7.30 12.22 -30.51
C GLU A 21 8.46 11.75 -29.63
N LEU A 22 8.16 11.24 -28.44
CA LEU A 22 9.20 10.81 -27.52
C LEU A 22 10.13 9.80 -28.19
N THR A 23 9.56 8.73 -28.75
CA THR A 23 10.40 7.66 -29.28
C THR A 23 11.16 8.09 -30.53
N SER A 24 10.59 8.99 -31.34
CA SER A 24 11.27 9.41 -32.55
C SER A 24 12.35 10.45 -32.28
N ASN A 25 12.31 11.13 -31.14
CA ASN A 25 13.38 12.08 -30.83
C ASN A 25 14.70 11.39 -30.52
N ARG A 26 14.69 10.12 -30.09
CA ARG A 26 15.90 9.44 -29.67
C ARG A 26 15.94 8.02 -30.22
N GLY A 27 17.05 7.68 -30.87
CA GLY A 27 17.23 6.33 -31.36
C GLY A 27 17.55 5.33 -30.27
N ASP A 28 18.05 5.79 -29.13
CA ASP A 28 18.38 4.89 -28.01
C ASP A 28 17.20 4.66 -27.09
N ILE A 29 16.02 5.18 -27.42
CA ILE A 29 14.77 4.81 -26.76
C ILE A 29 14.19 3.63 -27.54
N GLN A 30 14.23 2.44 -26.94
CA GLN A 30 13.78 1.25 -27.66
C GLN A 30 12.27 1.24 -27.82
N GLY A 31 11.53 1.63 -26.78
CA GLY A 31 10.08 1.62 -26.89
C GLY A 31 9.42 2.23 -25.70
N CYS A 32 8.11 2.48 -25.82
CA CYS A 32 7.37 3.11 -24.74
C CYS A 32 5.96 2.54 -24.66
N THR A 33 5.37 2.69 -23.47
CA THR A 33 3.96 2.38 -23.28
C THR A 33 3.41 3.21 -22.13
N ILE A 34 2.15 3.60 -22.25
CA ILE A 34 1.42 4.28 -21.19
C ILE A 34 0.41 3.28 -20.65
N VAL A 35 0.51 3.01 -19.34
CA VAL A 35 -0.25 1.95 -18.68
C VAL A 35 -0.98 2.54 -17.48
N THR A 36 -2.03 1.84 -17.05
CA THR A 36 -2.76 2.24 -15.87
C THR A 36 -1.98 1.86 -14.61
N THR A 37 -2.44 2.39 -13.47
CA THR A 37 -1.84 2.01 -12.20
C THR A 37 -1.98 0.53 -11.92
N GLN A 38 -2.93 -0.15 -12.56
CA GLN A 38 -3.13 -1.59 -12.40
C GLN A 38 -2.39 -2.41 -13.44
N GLY A 39 -1.51 -1.79 -14.22
CA GLY A 39 -0.71 -2.52 -15.19
C GLY A 39 -1.39 -2.84 -16.49
N LEU A 40 -2.46 -2.14 -16.83
CA LEU A 40 -3.13 -2.39 -18.10
C LEU A 40 -2.67 -1.37 -19.13
N PRO A 41 -2.31 -1.80 -20.35
CA PRO A 41 -1.79 -0.84 -21.33
C PRO A 41 -2.89 0.09 -21.83
N ILE A 42 -2.65 1.40 -21.68
CA ILE A 42 -3.54 2.38 -22.30
C ILE A 42 -3.17 2.57 -23.76
N THR A 43 -1.88 2.70 -24.04
CA THR A 43 -1.41 2.75 -25.43
C THR A 43 0.06 2.39 -25.45
N SER A 44 0.57 2.05 -26.63
CA SER A 44 1.92 1.54 -26.72
C SER A 44 2.54 1.91 -28.06
N LEU A 45 3.86 2.14 -28.05
CA LEU A 45 4.68 2.24 -29.25
C LEU A 45 5.88 1.34 -28.95
N LEU A 46 5.73 0.05 -29.25
CA LEU A 46 6.71 -0.96 -28.92
C LEU A 46 7.00 -1.80 -30.15
N ALA A 47 8.22 -2.32 -30.23
CA ALA A 47 8.59 -3.19 -31.32
C ALA A 47 7.65 -4.40 -31.38
N ASP A 48 7.54 -4.98 -32.58
CA ASP A 48 6.65 -6.12 -32.77
C ASP A 48 6.99 -7.27 -31.83
N ASP A 49 8.24 -7.36 -31.39
CA ASP A 49 8.66 -8.47 -30.56
C ASP A 49 8.19 -8.35 -29.12
N ALA A 50 7.90 -7.14 -28.67
CA ALA A 50 7.68 -6.91 -27.24
C ALA A 50 6.38 -7.55 -26.75
N ASN A 51 6.37 -7.89 -25.47
CA ASN A 51 5.18 -8.42 -24.79
C ASN A 51 4.56 -7.28 -23.99
N VAL A 52 3.53 -6.64 -24.57
CA VAL A 52 2.99 -5.42 -23.99
C VAL A 52 2.42 -5.70 -22.60
N SER A 53 1.59 -6.73 -22.48
CA SER A 53 0.93 -7.01 -21.21
C SER A 53 1.94 -7.27 -20.11
N LEU A 54 2.97 -8.07 -20.41
CA LEU A 54 4.00 -8.37 -19.42
C LEU A 54 4.74 -7.10 -18.99
N ILE A 55 5.13 -6.27 -19.95
CA ILE A 55 5.86 -5.04 -19.63
C ILE A 55 5.01 -4.15 -18.73
N SER A 56 3.74 -3.96 -19.12
CA SER A 56 2.86 -3.09 -18.35
C SER A 56 2.67 -3.63 -16.93
N ALA A 57 2.37 -4.92 -16.81
CA ALA A 57 2.07 -5.49 -15.50
C ALA A 57 3.30 -5.45 -14.60
N MET A 58 4.47 -5.84 -15.12
CA MET A 58 5.66 -5.84 -14.29
C MET A 58 6.06 -4.43 -13.90
N SER A 59 5.87 -3.45 -14.80
CA SER A 59 6.15 -2.07 -14.44
C SER A 59 5.24 -1.62 -13.30
N ALA A 60 3.94 -1.91 -13.40
CA ALA A 60 3.01 -1.53 -12.34
C ALA A 60 3.38 -2.21 -11.02
N ALA A 61 3.79 -3.48 -11.08
CA ALA A 61 4.12 -4.22 -9.86
C ALA A 61 5.38 -3.65 -9.20
N ILE A 62 6.42 -3.40 -9.99
CA ILE A 62 7.61 -2.71 -9.49
C ILE A 62 7.21 -1.40 -8.82
N ILE A 63 6.36 -0.64 -9.49
CA ILE A 63 5.93 0.66 -8.96
C ILE A 63 5.28 0.47 -7.59
N SER A 64 4.35 -0.47 -7.48
CA SER A 64 3.65 -0.67 -6.21
C SER A 64 4.62 -1.04 -5.10
N VAL A 65 5.47 -2.04 -5.34
CA VAL A 65 6.37 -2.52 -4.29
C VAL A 65 7.33 -1.40 -3.87
N ALA A 66 7.95 -0.75 -4.85
CA ALA A 66 8.90 0.30 -4.53
C ALA A 66 8.22 1.50 -3.88
N GLU A 67 6.97 1.78 -4.25
CA GLU A 67 6.22 2.84 -3.59
C GLU A 67 6.06 2.55 -2.11
N SER A 68 5.58 1.34 -1.79
CA SER A 68 5.45 0.94 -0.39
C SER A 68 6.78 1.11 0.33
N ALA A 69 7.86 0.62 -0.27
CA ALA A 69 9.17 0.74 0.36
C ALA A 69 9.54 2.20 0.59
N SER A 70 9.51 3.00 -0.46
CA SER A 70 9.90 4.41 -0.37
C SER A 70 9.13 5.12 0.74
N GLN A 71 7.81 4.91 0.80
CA GLN A 71 7.03 5.57 1.83
C GLN A 71 7.39 5.06 3.22
N GLU A 72 7.64 3.75 3.35
CA GLU A 72 8.06 3.23 4.64
C GLU A 72 9.39 3.84 5.08
N LEU A 73 10.31 4.04 4.13
CA LEU A 73 11.59 4.67 4.42
C LEU A 73 11.51 6.20 4.40
N GLN A 74 10.31 6.76 4.33
CA GLN A 74 10.09 8.20 4.42
C GLN A 74 10.83 8.96 3.32
N ARG A 75 10.76 8.45 2.09
CA ARG A 75 11.20 9.20 0.92
C ARG A 75 10.03 9.72 0.10
N GLY A 76 8.82 9.70 0.67
CA GLY A 76 7.67 10.29 0.03
C GLY A 76 7.11 9.43 -1.09
N TYR A 77 6.08 9.96 -1.73
CA TYR A 77 5.47 9.28 -2.86
C TYR A 77 6.52 9.06 -3.96
N LEU A 78 6.48 7.90 -4.57
CA LEU A 78 7.46 7.53 -5.58
C LEU A 78 7.12 8.22 -6.91
N GLN A 79 8.11 8.87 -7.51
CA GLN A 79 7.92 9.60 -8.74
C GLN A 79 8.49 8.90 -9.96
N ARG A 80 9.59 8.17 -9.81
CA ARG A 80 10.27 7.58 -10.95
C ARG A 80 11.18 6.46 -10.48
N ILE A 81 11.26 5.40 -11.28
CA ILE A 81 12.20 4.30 -11.08
C ILE A 81 13.05 4.18 -12.33
N LEU A 82 14.36 4.02 -12.13
CA LEU A 82 15.28 3.64 -13.20
C LEU A 82 15.88 2.29 -12.83
N LEU A 83 15.60 1.28 -13.64
CA LEU A 83 16.16 -0.05 -13.46
C LEU A 83 17.20 -0.29 -14.55
N GLU A 84 18.45 -0.45 -14.15
CA GLU A 84 19.56 -0.66 -15.07
C GLU A 84 19.98 -2.12 -15.02
N GLY A 85 19.89 -2.79 -16.17
CA GLY A 85 20.35 -4.14 -16.32
C GLY A 85 21.57 -4.21 -17.23
N GLU A 86 22.17 -5.40 -17.28
CA GLU A 86 23.37 -5.58 -18.10
C GLU A 86 23.09 -5.37 -19.58
N LEU A 87 21.84 -5.56 -20.02
CA LEU A 87 21.50 -5.48 -21.43
C LEU A 87 20.72 -4.24 -21.81
N GLY A 88 20.01 -3.61 -20.87
CA GLY A 88 19.24 -2.43 -21.18
C GLY A 88 18.71 -1.81 -19.90
N THR A 89 18.03 -0.67 -20.07
CA THR A 89 17.45 0.04 -18.95
C THR A 89 15.96 0.26 -19.19
N ILE A 90 15.21 0.31 -18.10
CA ILE A 90 13.79 0.64 -18.15
C ILE A 90 13.53 1.77 -17.17
N ILE A 91 12.83 2.79 -17.64
CA ILE A 91 12.46 3.96 -16.85
C ILE A 91 10.95 3.94 -16.69
N ILE A 92 10.49 4.03 -15.45
CA ILE A 92 9.06 3.96 -15.12
C ILE A 92 8.71 5.24 -14.37
N SER A 93 7.93 6.10 -15.02
CA SER A 93 7.64 7.43 -14.50
C SER A 93 6.16 7.60 -14.24
N LYS A 94 5.81 8.09 -13.06
CA LYS A 94 4.44 8.48 -12.79
C LYS A 94 4.06 9.65 -13.69
N ALA A 95 2.90 9.55 -14.34
CA ALA A 95 2.39 10.58 -15.23
C ALA A 95 1.03 11.04 -14.70
N GLY A 96 1.03 11.64 -13.52
CA GLY A 96 -0.18 11.89 -12.79
C GLY A 96 -0.57 10.67 -11.99
N PRO A 97 -1.65 10.78 -11.20
CA PRO A 97 -2.08 9.65 -10.37
C PRO A 97 -2.79 8.55 -11.14
N HIS A 98 -2.99 8.70 -12.44
CA HIS A 98 -3.80 7.76 -13.21
C HIS A 98 -3.03 7.04 -14.30
N ALA A 99 -1.76 7.37 -14.54
CA ALA A 99 -1.04 6.77 -15.65
C ALA A 99 0.43 6.63 -15.30
N ILE A 100 1.10 5.73 -16.01
CA ILE A 100 2.52 5.44 -15.83
C ILE A 100 3.14 5.30 -17.21
N LEU A 101 4.24 6.01 -17.45
CA LEU A 101 4.99 5.92 -18.69
C LEU A 101 6.17 4.99 -18.50
N VAL A 102 6.25 3.96 -19.33
CA VAL A 102 7.34 3.00 -19.32
C VAL A 102 8.17 3.21 -20.57
N SER A 103 9.48 3.34 -20.41
CA SER A 103 10.41 3.63 -21.49
C SER A 103 11.55 2.61 -21.43
N LEU A 104 11.63 1.74 -22.44
CA LEU A 104 12.75 0.83 -22.60
C LEU A 104 13.81 1.54 -23.43
N VAL A 105 15.03 1.62 -22.89
CA VAL A 105 16.13 2.37 -23.50
C VAL A 105 17.40 1.53 -23.48
N ASP A 106 18.32 1.88 -24.38
CA ASP A 106 19.53 1.11 -24.60
C ASP A 106 20.44 1.11 -23.37
N LYS A 107 21.37 0.16 -23.36
CA LYS A 107 22.32 0.06 -22.24
C LYS A 107 23.21 1.28 -22.16
N ASP A 108 23.52 1.91 -23.28
CA ASP A 108 24.41 3.06 -23.33
C ASP A 108 23.67 4.35 -23.68
N ALA A 109 22.37 4.38 -23.41
CA ALA A 109 21.56 5.53 -23.79
C ALA A 109 22.05 6.79 -23.07
N LYS A 110 21.73 7.94 -23.67
CA LYS A 110 22.09 9.24 -23.10
C LYS A 110 20.98 9.66 -22.14
N LEU A 111 21.21 9.47 -20.84
CA LEU A 111 20.12 9.62 -19.89
C LEU A 111 19.69 11.06 -19.69
N GLY A 112 20.59 12.02 -19.90
CA GLY A 112 20.21 13.41 -19.73
C GLY A 112 19.07 13.84 -20.63
N ILE A 113 19.30 13.71 -21.95
CA ILE A 113 18.27 14.09 -22.91
C ILE A 113 17.03 13.23 -22.74
N ILE A 114 17.22 11.94 -22.46
CA ILE A 114 16.07 11.04 -22.36
C ILE A 114 15.19 11.44 -21.18
N LEU A 115 15.80 11.76 -20.04
CA LEU A 115 15.01 12.17 -18.88
C LEU A 115 14.35 13.53 -19.10
N MET A 116 15.01 14.43 -19.83
CA MET A 116 14.34 15.69 -20.18
C MET A 116 13.08 15.42 -21.02
N LEU A 117 13.23 14.63 -22.09
CA LEU A 117 12.10 14.32 -22.95
C LEU A 117 11.01 13.61 -22.16
N ILE A 118 11.39 12.72 -21.23
CA ILE A 118 10.40 11.99 -20.45
C ILE A 118 9.65 12.93 -19.52
N ASP A 119 10.36 13.89 -18.92
CA ASP A 119 9.66 14.88 -18.09
C ASP A 119 8.61 15.62 -18.90
N LYS A 120 8.99 16.09 -20.09
CA LYS A 120 8.01 16.75 -20.96
C LYS A 120 6.83 15.82 -21.26
N ALA A 121 7.12 14.57 -21.62
CA ALA A 121 6.06 13.65 -22.02
C ALA A 121 5.11 13.36 -20.87
N ILE A 122 5.65 13.17 -19.65
CA ILE A 122 4.78 12.85 -18.53
C ILE A 122 3.95 14.06 -18.15
N LYS A 123 4.48 15.28 -18.30
CA LYS A 123 3.66 16.46 -18.07
C LYS A 123 2.48 16.49 -19.03
N GLN A 124 2.74 16.23 -20.31
CA GLN A 124 1.65 16.23 -21.27
C GLN A 124 0.64 15.12 -20.97
N ILE A 125 1.12 13.93 -20.63
CA ILE A 125 0.23 12.82 -20.32
C ILE A 125 -0.66 13.16 -19.13
N ALA A 126 -0.06 13.68 -18.06
CA ALA A 126 -0.83 14.04 -16.88
C ALA A 126 -1.87 15.10 -17.22
N GLU A 127 -1.50 16.07 -18.05
CA GLU A 127 -2.48 17.04 -18.52
C GLU A 127 -3.67 16.33 -19.18
N LEU A 128 -3.39 15.44 -20.13
CA LEU A 128 -4.47 14.77 -20.86
C LEU A 128 -5.28 13.82 -19.98
N MET A 129 -4.71 13.35 -18.87
CA MET A 129 -5.41 12.40 -18.00
C MET A 129 -6.21 13.08 -16.90
N ASP A 130 -6.03 14.37 -16.69
CA ASP A 130 -6.72 15.08 -15.61
C ASP A 130 -8.08 15.60 -16.08
N ALA A 131 -8.94 14.65 -16.45
CA ALA A 131 -10.28 14.97 -16.92
C ALA A 131 -11.33 14.63 -15.87
N HIS B 11 4.44 -2.95 30.24
CA HIS B 11 4.14 -2.83 28.82
C HIS B 11 4.83 -3.96 28.05
N THR B 12 6.14 -3.86 27.90
CA THR B 12 6.90 -4.94 27.24
C THR B 12 6.68 -6.26 27.96
N ASP B 13 6.55 -6.22 29.28
CA ASP B 13 6.43 -7.45 30.06
C ASP B 13 5.18 -8.23 29.66
N LYS B 14 4.03 -7.56 29.56
CA LYS B 14 2.80 -8.28 29.25
C LYS B 14 2.83 -8.84 27.84
N LEU B 15 3.45 -8.11 26.90
CA LEU B 15 3.62 -8.65 25.56
C LEU B 15 4.49 -9.90 25.57
N TRP B 16 5.58 -9.87 26.35
CA TRP B 16 6.42 -11.06 26.45
C TRP B 16 5.67 -12.21 27.10
N TYR B 17 4.77 -11.91 28.04
CA TYR B 17 3.97 -12.97 28.64
C TYR B 17 3.00 -13.56 27.63
N ILE B 18 2.44 -12.72 26.75
CA ILE B 18 1.64 -13.24 25.64
C ILE B 18 2.48 -14.19 24.80
N LEU B 19 3.72 -13.79 24.49
CA LEU B 19 4.59 -14.65 23.70
C LEU B 19 4.89 -15.96 24.43
N GLN B 20 5.08 -15.90 25.74
CA GLN B 20 5.37 -17.11 26.49
C GLN B 20 4.18 -18.05 26.49
N GLU B 21 2.97 -17.51 26.66
CA GLU B 21 1.77 -18.33 26.59
C GLU B 21 1.60 -18.94 25.20
N LEU B 22 1.93 -18.18 24.16
CA LEU B 22 1.80 -18.71 22.80
C LEU B 22 2.79 -19.84 22.56
N THR B 23 4.06 -19.63 22.92
N THR B 23 4.06 -19.62 22.91
CA THR B 23 5.04 -20.69 22.76
CA THR B 23 5.10 -20.59 22.59
C THR B 23 4.77 -21.86 23.71
C THR B 23 5.04 -21.83 23.48
N SER B 24 4.23 -21.59 24.89
N SER B 24 4.64 -21.67 24.74
CA SER B 24 3.95 -22.62 25.89
CA SER B 24 4.56 -22.82 25.65
C SER B 24 5.10 -23.63 25.94
C SER B 24 3.33 -23.68 25.40
N ASN B 25 4.86 -24.86 25.49
N ASN B 25 2.35 -23.17 24.65
CA ASN B 25 5.93 -25.87 25.42
CA ASN B 25 1.11 -23.89 24.40
C ASN B 25 6.55 -25.91 24.03
C ASN B 25 1.22 -24.90 23.26
N ARG B 26 6.74 -24.74 23.42
N ARG B 26 2.37 -25.00 22.60
CA ARG B 26 7.18 -24.61 22.03
CA ARG B 26 2.49 -25.86 21.43
C ARG B 26 6.69 -25.78 21.20
C ARG B 26 3.70 -26.79 21.50
N GLY B 27 7.59 -26.67 20.80
N GLY B 27 4.88 -26.28 21.14
CA GLY B 27 7.21 -27.84 20.02
CA GLY B 27 6.06 -27.09 20.94
C GLY B 27 6.88 -27.47 18.60
C GLY B 27 6.44 -27.22 19.47
N ASP B 28 5.58 -27.32 18.31
N ASP B 28 5.45 -27.21 18.58
CA ASP B 28 5.16 -26.88 16.99
CA ASP B 28 5.69 -26.99 17.16
C ASP B 28 5.35 -25.38 16.78
C ASP B 28 5.66 -25.50 16.81
N ILE B 29 5.71 -24.64 17.83
CA ILE B 29 6.02 -23.22 17.70
C ILE B 29 7.45 -23.03 18.20
N GLN B 30 8.37 -22.70 17.29
CA GLN B 30 9.78 -22.68 17.61
C GLN B 30 10.24 -21.37 18.24
N GLY B 31 9.56 -20.27 17.93
CA GLY B 31 9.94 -18.99 18.50
C GLY B 31 9.03 -17.90 17.95
N CYS B 32 9.04 -16.77 18.64
CA CYS B 32 8.15 -15.68 18.28
C CYS B 32 8.83 -14.34 18.55
N THR B 33 8.30 -13.30 17.89
CA THR B 33 8.73 -11.94 18.20
C THR B 33 7.65 -10.95 17.78
N ILE B 34 7.39 -9.98 18.65
CA ILE B 34 6.50 -8.86 18.37
C ILE B 34 7.36 -7.66 17.96
N VAL B 35 7.04 -7.09 16.79
CA VAL B 35 7.85 -6.06 16.17
C VAL B 35 6.96 -4.90 15.74
N THR B 36 7.58 -3.74 15.54
CA THR B 36 6.86 -2.59 15.01
C THR B 36 6.68 -2.73 13.50
N THR B 37 5.79 -1.90 12.95
CA THR B 37 5.59 -1.91 11.50
C THR B 37 6.84 -1.50 10.76
N GLN B 38 7.78 -0.82 11.43
CA GLN B 38 9.04 -0.43 10.84
C GLN B 38 10.13 -1.48 11.04
N GLY B 39 9.77 -2.69 11.47
CA GLY B 39 10.72 -3.78 11.55
C GLY B 39 11.59 -3.80 12.78
N LEU B 40 11.25 -3.02 13.82
CA LEU B 40 12.05 -3.05 15.04
C LEU B 40 11.42 -3.97 16.06
N PRO B 41 12.17 -4.88 16.68
CA PRO B 41 11.54 -5.81 17.63
C PRO B 41 11.10 -5.11 18.91
N ILE B 42 9.83 -5.28 19.26
CA ILE B 42 9.34 -4.82 20.54
C ILE B 42 9.72 -5.80 21.64
N THR B 43 9.44 -7.08 21.43
CA THR B 43 9.89 -8.11 22.35
C THR B 43 10.04 -9.41 21.56
N SER B 44 10.69 -10.39 22.17
CA SER B 44 10.97 -11.64 21.48
C SER B 44 11.10 -12.78 22.48
N LEU B 45 10.82 -13.98 21.99
CA LEU B 45 11.04 -15.23 22.72
C LEU B 45 11.55 -16.20 21.64
N LEU B 46 12.87 -16.19 21.44
CA LEU B 46 13.52 -16.93 20.37
C LEU B 46 14.73 -17.66 20.95
N ALA B 47 15.29 -18.56 20.15
CA ALA B 47 16.53 -19.22 20.54
C ALA B 47 17.65 -18.19 20.64
N ASP B 48 18.59 -18.44 21.56
CA ASP B 48 19.69 -17.52 21.76
C ASP B 48 20.48 -17.26 20.48
N ASP B 49 20.44 -18.18 19.52
CA ASP B 49 21.22 -18.07 18.30
C ASP B 49 20.50 -17.31 17.19
N ALA B 50 19.21 -17.01 17.36
CA ALA B 50 18.45 -16.34 16.32
C ALA B 50 18.80 -14.85 16.27
N ASN B 51 18.69 -14.28 15.07
CA ASN B 51 18.97 -12.86 14.83
C ASN B 51 17.64 -12.12 14.91
N VAL B 52 17.40 -11.47 16.05
CA VAL B 52 16.12 -10.81 16.27
C VAL B 52 15.94 -9.65 15.30
N SER B 53 16.97 -8.81 15.16
CA SER B 53 16.86 -7.64 14.29
C SER B 53 16.61 -8.06 12.84
N LEU B 54 17.37 -9.06 12.37
CA LEU B 54 17.15 -9.56 11.02
C LEU B 54 15.75 -10.12 10.85
N ILE B 55 15.31 -10.96 11.80
CA ILE B 55 13.99 -11.56 11.70
C ILE B 55 12.92 -10.48 11.61
N SER B 56 12.98 -9.50 12.51
CA SER B 56 11.98 -8.45 12.54
C SER B 56 11.99 -7.64 11.25
N ALA B 57 13.18 -7.25 10.78
CA ALA B 57 13.27 -6.42 9.60
C ALA B 57 12.79 -7.16 8.36
N MET B 58 13.21 -8.41 8.20
CA MET B 58 12.77 -9.18 7.04
C MET B 58 11.27 -9.43 7.10
N SER B 59 10.72 -9.63 8.29
CA SER B 59 9.27 -9.79 8.40
C SER B 59 8.55 -8.51 7.99
N ALA B 60 9.06 -7.36 8.40
CA ALA B 60 8.47 -6.09 7.98
C ALA B 60 8.56 -5.91 6.47
N ALA B 61 9.68 -6.32 5.88
CA ALA B 61 9.83 -6.19 4.43
C ALA B 61 8.86 -7.10 3.69
N ILE B 62 8.76 -8.35 4.12
CA ILE B 62 7.79 -9.28 3.55
C ILE B 62 6.39 -8.71 3.68
N ILE B 63 6.07 -8.14 4.85
CA ILE B 63 4.75 -7.56 5.04
C ILE B 63 4.52 -6.43 4.04
N SER B 64 5.53 -5.58 3.83
CA SER B 64 5.35 -4.47 2.89
C SER B 64 5.04 -4.98 1.49
N VAL B 65 5.87 -5.91 1.00
CA VAL B 65 5.68 -6.42 -0.36
C VAL B 65 4.35 -7.14 -0.49
N ALA B 66 4.03 -7.99 0.50
CA ALA B 66 2.79 -8.74 0.47
C ALA B 66 1.57 -7.83 0.57
N GLU B 67 1.68 -6.73 1.33
CA GLU B 67 0.60 -5.76 1.40
C GLU B 67 0.38 -5.09 0.05
N SER B 68 1.48 -4.68 -0.61
CA SER B 68 1.35 -4.15 -1.96
C SER B 68 0.61 -5.15 -2.86
N ALA B 69 1.03 -6.41 -2.82
CA ALA B 69 0.42 -7.43 -3.67
C ALA B 69 -1.07 -7.60 -3.35
N SER B 70 -1.41 -7.69 -2.07
CA SER B 70 -2.80 -7.93 -1.68
C SER B 70 -3.69 -6.75 -2.05
N GLN B 71 -3.21 -5.52 -1.85
CA GLN B 71 -4.02 -4.36 -2.17
C GLN B 71 -4.19 -4.20 -3.68
N GLU B 72 -3.11 -4.35 -4.44
CA GLU B 72 -3.20 -4.16 -5.88
C GLU B 72 -4.07 -5.24 -6.53
N LEU B 73 -4.15 -6.41 -5.92
CA LEU B 73 -4.97 -7.50 -6.43
C LEU B 73 -6.38 -7.49 -5.86
N GLN B 74 -6.78 -6.41 -5.20
CA GLN B 74 -8.15 -6.18 -4.75
C GLN B 74 -8.55 -7.03 -3.56
N ARG B 75 -7.58 -7.56 -2.82
CA ARG B 75 -7.88 -8.37 -1.64
C ARG B 75 -7.76 -7.59 -0.34
N GLY B 76 -7.60 -6.27 -0.43
CA GLY B 76 -7.65 -5.42 0.74
C GLY B 76 -6.38 -5.48 1.57
N TYR B 77 -6.50 -5.00 2.80
CA TYR B 77 -5.38 -5.06 3.74
C TYR B 77 -4.92 -6.49 3.94
N LEU B 78 -3.61 -6.66 4.09
CA LEU B 78 -3.05 -7.97 4.41
C LEU B 78 -3.22 -8.23 5.90
N GLN B 79 -3.84 -9.37 6.23
CA GLN B 79 -3.98 -9.76 7.64
C GLN B 79 -2.83 -10.64 8.11
N ARG B 80 -2.38 -11.56 7.26
CA ARG B 80 -1.46 -12.60 7.67
C ARG B 80 -0.85 -13.27 6.45
N ILE B 81 0.40 -13.69 6.58
CA ILE B 81 1.10 -14.40 5.51
C ILE B 81 1.80 -15.62 6.10
N LEU B 82 1.64 -16.76 5.44
CA LEU B 82 2.32 -18.00 5.80
C LEU B 82 3.30 -18.37 4.70
N LEU B 83 4.57 -18.49 5.06
CA LEU B 83 5.61 -18.99 4.18
C LEU B 83 5.92 -20.42 4.61
N GLU B 84 5.57 -21.38 3.76
CA GLU B 84 5.78 -22.79 4.04
C GLU B 84 6.99 -23.27 3.25
N GLY B 85 8.07 -23.62 3.96
CA GLY B 85 9.26 -24.18 3.36
C GLY B 85 9.38 -25.67 3.64
N GLU B 86 10.37 -26.28 2.99
CA GLU B 86 10.55 -27.73 3.13
C GLU B 86 11.02 -28.11 4.52
N LEU B 87 11.62 -27.18 5.27
CA LEU B 87 12.14 -27.47 6.59
C LEU B 87 11.36 -26.80 7.72
N GLY B 88 10.49 -25.85 7.41
CA GLY B 88 9.70 -25.20 8.45
C GLY B 88 8.85 -24.10 7.84
N THR B 89 7.99 -23.54 8.68
CA THR B 89 7.07 -22.49 8.29
C THR B 89 7.36 -21.23 9.09
N ILE B 90 7.01 -20.09 8.52
CA ILE B 90 7.02 -18.82 9.24
C ILE B 90 5.71 -18.10 8.97
N ILE B 91 5.08 -17.61 10.02
CA ILE B 91 3.78 -16.94 9.95
C ILE B 91 3.96 -15.52 10.46
N ILE B 92 3.56 -14.55 9.65
CA ILE B 92 3.68 -13.14 9.98
C ILE B 92 2.27 -12.58 9.98
N SER B 93 1.79 -12.14 11.14
CA SER B 93 0.43 -11.67 11.30
C SER B 93 0.43 -10.22 11.75
N LYS B 94 -0.54 -9.45 11.26
CA LYS B 94 -0.76 -8.10 11.76
C LYS B 94 -1.44 -8.17 13.13
N ALA B 95 -0.88 -7.48 14.11
CA ALA B 95 -1.42 -7.42 15.46
C ALA B 95 -1.84 -5.98 15.71
N GLY B 96 -2.99 -5.59 15.14
CA GLY B 96 -3.41 -4.22 15.14
C GLY B 96 -2.62 -3.42 14.13
N PRO B 97 -2.92 -2.12 14.02
CA PRO B 97 -2.21 -1.28 13.05
C PRO B 97 -0.79 -0.93 13.44
N HIS B 98 -0.34 -1.29 14.65
CA HIS B 98 0.94 -0.85 15.16
C HIS B 98 1.95 -1.96 15.40
N ALA B 99 1.54 -3.23 15.36
CA ALA B 99 2.43 -4.32 15.75
C ALA B 99 2.25 -5.51 14.81
N ILE B 100 3.30 -6.31 14.72
CA ILE B 100 3.35 -7.50 13.87
C ILE B 100 3.91 -8.64 14.69
N LEU B 101 3.24 -9.79 14.66
CA LEU B 101 3.67 -10.99 15.36
C LEU B 101 4.29 -11.95 14.35
N VAL B 102 5.52 -12.39 14.64
CA VAL B 102 6.24 -13.35 13.81
C VAL B 102 6.36 -14.64 14.60
N SER B 103 5.99 -15.75 13.97
CA SER B 103 5.99 -17.07 14.61
C SER B 103 6.69 -18.06 13.70
N LEU B 104 7.77 -18.67 14.20
CA LEU B 104 8.42 -19.77 13.53
C LEU B 104 7.74 -21.07 13.95
N VAL B 105 7.43 -21.92 12.97
CA VAL B 105 6.52 -23.04 13.17
C VAL B 105 7.14 -24.30 12.58
N ASP B 106 6.95 -25.42 13.28
CA ASP B 106 7.50 -26.69 12.84
C ASP B 106 6.89 -27.11 11.51
N LYS B 107 7.69 -27.82 10.71
CA LYS B 107 7.24 -28.26 9.39
C LYS B 107 5.93 -29.04 9.48
N ASP B 108 5.79 -29.88 10.50
CA ASP B 108 4.66 -30.79 10.62
C ASP B 108 3.58 -30.27 11.56
N ALA B 109 3.63 -29.00 11.93
CA ALA B 109 2.68 -28.46 12.89
C ALA B 109 1.25 -28.56 12.36
N LYS B 110 0.31 -28.75 13.29
CA LYS B 110 -1.10 -28.70 12.97
C LYS B 110 -1.54 -27.25 12.85
N LEU B 111 -2.01 -26.86 11.67
CA LEU B 111 -2.17 -25.44 11.37
C LEU B 111 -3.41 -24.84 12.02
N GLY B 112 -4.46 -25.63 12.25
CA GLY B 112 -5.67 -25.09 12.86
C GLY B 112 -5.43 -24.54 14.25
N ILE B 113 -4.82 -25.37 15.11
CA ILE B 113 -4.55 -24.93 16.48
C ILE B 113 -3.56 -23.77 16.49
N ILE B 114 -2.55 -23.82 15.64
CA ILE B 114 -1.53 -22.78 15.63
C ILE B 114 -2.15 -21.45 15.21
N LEU B 115 -2.95 -21.46 14.14
CA LEU B 115 -3.60 -20.23 13.69
C LEU B 115 -4.57 -19.71 14.74
N MET B 116 -5.23 -20.59 15.49
CA MET B 116 -6.14 -20.10 16.54
C MET B 116 -5.37 -19.49 17.70
N LEU B 117 -4.28 -20.12 18.12
CA LEU B 117 -3.44 -19.53 19.15
C LEU B 117 -2.89 -18.18 18.70
N ILE B 118 -2.51 -18.07 17.42
CA ILE B 118 -2.00 -16.80 16.91
C ILE B 118 -3.11 -15.76 16.87
N ASP B 119 -4.34 -16.16 16.53
CA ASP B 119 -5.46 -15.23 16.59
C ASP B 119 -5.62 -14.67 18.00
N LYS B 120 -5.64 -15.56 19.00
CA LYS B 120 -5.73 -15.10 20.38
C LYS B 120 -4.59 -14.12 20.70
N ALA B 121 -3.36 -14.50 20.35
CA ALA B 121 -2.20 -13.69 20.70
C ALA B 121 -2.29 -12.31 20.04
N ILE B 122 -2.69 -12.25 18.77
CA ILE B 122 -2.73 -10.96 18.09
C ILE B 122 -3.87 -10.11 18.62
N LYS B 123 -4.99 -10.73 19.02
CA LYS B 123 -6.05 -9.97 19.67
C LYS B 123 -5.51 -9.30 20.94
N GLN B 124 -4.82 -10.07 21.78
CA GLN B 124 -4.26 -9.49 23.00
C GLN B 124 -3.23 -8.41 22.69
N ILE B 125 -2.37 -8.66 21.71
CA ILE B 125 -1.32 -7.69 21.38
C ILE B 125 -1.95 -6.39 20.88
N ALA B 126 -2.99 -6.49 20.05
CA ALA B 126 -3.66 -5.30 19.57
C ALA B 126 -4.36 -4.55 20.70
N GLU B 127 -4.93 -5.29 21.65
CA GLU B 127 -5.47 -4.65 22.84
C GLU B 127 -4.41 -3.84 23.57
N LEU B 128 -3.22 -4.41 23.73
CA LEU B 128 -2.17 -3.73 24.48
C LEU B 128 -1.57 -2.57 23.70
N MET B 129 -1.50 -2.67 22.37
CA MET B 129 -0.95 -1.61 21.54
C MET B 129 -1.91 -0.45 21.35
N ASP B 130 -3.17 -0.60 21.78
CA ASP B 130 -4.15 0.47 21.68
C ASP B 130 -4.44 1.05 23.06
N HIS C 11 7.06 21.08 24.25
CA HIS C 11 6.71 20.86 22.86
C HIS C 11 5.28 21.30 22.57
N THR C 12 4.53 21.58 23.63
CA THR C 12 3.18 22.11 23.46
C THR C 12 3.22 23.43 22.69
N ASP C 13 4.25 24.25 22.94
CA ASP C 13 4.34 25.53 22.26
CA ASP C 13 4.36 25.52 22.26
C ASP C 13 4.51 25.34 20.76
N LYS C 14 5.30 24.33 20.34
CA LYS C 14 5.49 24.10 18.91
C LYS C 14 4.19 23.65 18.26
N LEU C 15 3.43 22.77 18.91
CA LEU C 15 2.12 22.39 18.39
C LEU C 15 1.22 23.59 18.25
N TRP C 16 1.14 24.41 19.30
CA TRP C 16 0.30 25.61 19.23
C TRP C 16 0.78 26.55 18.13
N TYR C 17 2.08 26.58 17.85
CA TYR C 17 2.58 27.43 16.79
C TYR C 17 2.19 26.87 15.42
N ILE C 18 2.15 25.55 15.28
CA ILE C 18 1.59 24.97 14.07
C ILE C 18 0.16 25.47 13.88
N LEU C 19 -0.61 25.48 14.97
CA LEU C 19 -1.98 25.99 14.88
C LEU C 19 -2.00 27.48 14.53
N GLN C 20 -1.07 28.26 15.10
CA GLN C 20 -0.99 29.69 14.80
C GLN C 20 -0.74 29.90 13.32
N GLU C 21 0.26 29.19 12.77
CA GLU C 21 0.55 29.29 11.35
C GLU C 21 -0.66 28.92 10.52
N LEU C 22 -1.34 27.84 10.88
CA LEU C 22 -2.48 27.37 10.08
C LEU C 22 -3.61 28.39 10.10
N THR C 23 -4.00 28.84 11.30
CA THR C 23 -5.15 29.73 11.41
C THR C 23 -4.86 31.11 10.86
N SER C 24 -3.60 31.55 10.93
CA SER C 24 -3.24 32.89 10.48
C SER C 24 -3.04 32.97 8.97
N ASN C 25 -2.72 31.85 8.31
CA ASN C 25 -2.55 31.89 6.86
C ASN C 25 -3.87 32.04 6.12
N ARG C 26 -5.00 31.87 6.80
CA ARG C 26 -6.30 31.86 6.13
C ARG C 26 -7.35 32.53 7.01
N GLY C 27 -8.08 33.48 6.44
CA GLY C 27 -9.18 34.11 7.15
C GLY C 27 -10.42 33.25 7.23
N ASP C 28 -10.54 32.24 6.38
CA ASP C 28 -11.68 31.35 6.40
C ASP C 28 -11.47 30.12 7.28
N ILE C 29 -10.32 30.01 7.94
CA ILE C 29 -10.14 29.03 9.01
C ILE C 29 -10.54 29.74 10.31
N GLN C 30 -11.62 29.26 10.94
CA GLN C 30 -12.12 29.92 12.14
C GLN C 30 -11.34 29.52 13.38
N GLY C 31 -10.90 28.27 13.46
CA GLY C 31 -10.15 27.86 14.64
C GLY C 31 -9.65 26.43 14.50
N CYS C 32 -8.81 26.05 15.47
CA CYS C 32 -8.20 24.71 15.42
C CYS C 32 -7.96 24.19 16.83
N THR C 33 -7.91 22.87 16.95
CA THR C 33 -7.54 22.25 18.21
CA THR C 33 -7.59 22.22 18.22
C THR C 33 -6.93 20.88 17.94
N ILE C 34 -5.86 20.57 18.67
CA ILE C 34 -5.22 19.27 18.62
C ILE C 34 -5.70 18.49 19.84
N VAL C 35 -6.23 17.29 19.58
CA VAL C 35 -6.94 16.46 20.55
C VAL C 35 -6.30 15.08 20.58
N THR C 36 -6.35 14.43 21.74
CA THR C 36 -5.88 13.06 21.82
C THR C 36 -6.89 12.12 21.15
N THR C 37 -6.45 10.89 20.91
CA THR C 37 -7.37 9.88 20.39
C THR C 37 -8.49 9.58 21.36
N GLN C 38 -8.33 9.97 22.64
CA GLN C 38 -9.33 9.73 23.66
C GLN C 38 -10.38 10.84 23.75
N GLY C 39 -10.22 11.92 22.98
CA GLY C 39 -11.14 13.02 23.04
C GLY C 39 -10.82 14.08 24.07
N LEU C 40 -9.54 14.18 24.50
CA LEU C 40 -9.11 15.21 25.42
C LEU C 40 -8.21 16.21 24.70
N PRO C 41 -8.35 17.51 24.99
CA PRO C 41 -7.60 18.51 24.23
C PRO C 41 -6.11 18.50 24.59
N ILE C 42 -5.27 18.52 23.56
CA ILE C 42 -3.84 18.75 23.73
C ILE C 42 -3.53 20.24 23.71
N THR C 43 -4.00 20.93 22.68
CA THR C 43 -3.81 22.38 22.61
C THR C 43 -4.90 22.96 21.71
N SER C 44 -5.11 24.27 21.81
CA SER C 44 -6.21 24.87 21.06
C SER C 44 -5.86 26.30 20.67
N LEU C 45 -6.40 26.73 19.53
CA LEU C 45 -6.41 28.13 19.11
C LEU C 45 -7.83 28.35 18.58
N LEU C 46 -8.73 28.71 19.48
CA LEU C 46 -10.13 28.94 19.17
C LEU C 46 -10.54 30.31 19.70
N ALA C 47 -11.73 30.74 19.30
CA ALA C 47 -12.35 31.90 19.92
C ALA C 47 -12.73 31.55 21.36
N ASP C 48 -12.63 32.56 22.24
CA ASP C 48 -13.00 32.35 23.64
C ASP C 48 -14.44 31.88 23.78
N ASP C 49 -15.27 32.07 22.75
CA ASP C 49 -16.63 31.57 22.78
C ASP C 49 -16.68 30.05 22.69
N ALA C 50 -15.70 29.44 22.04
CA ALA C 50 -15.76 28.01 21.74
C ALA C 50 -15.62 27.15 22.99
N ASN C 51 -16.23 25.97 22.94
CA ASN C 51 -16.16 24.98 24.01
C ASN C 51 -15.12 23.94 23.60
N VAL C 52 -13.93 24.02 24.20
CA VAL C 52 -12.83 23.18 23.76
C VAL C 52 -13.10 21.71 24.08
N SER C 53 -13.55 21.43 25.30
CA SER C 53 -13.78 20.04 25.70
C SER C 53 -14.84 19.39 24.82
N LEU C 54 -15.91 20.12 24.52
CA LEU C 54 -16.98 19.54 23.70
C LEU C 54 -16.49 19.28 22.28
N ILE C 55 -15.74 20.22 21.70
CA ILE C 55 -15.20 20.02 20.36
C ILE C 55 -14.31 18.77 20.34
N SER C 56 -13.44 18.64 21.35
CA SER C 56 -12.55 17.49 21.42
C SER C 56 -13.32 16.18 21.51
N ALA C 57 -14.32 16.13 22.41
CA ALA C 57 -15.07 14.91 22.61
C ALA C 57 -15.87 14.53 21.38
N MET C 58 -16.58 15.51 20.79
CA MET C 58 -17.35 15.23 19.58
C MET C 58 -16.45 14.76 18.45
N SER C 59 -15.28 15.39 18.29
CA SER C 59 -14.36 14.95 17.26
C SER C 59 -13.94 13.51 17.48
N ALA C 60 -13.64 13.14 18.72
CA ALA C 60 -13.27 11.75 19.00
C ALA C 60 -14.42 10.80 18.67
N ALA C 61 -15.65 11.18 19.00
CA ALA C 61 -16.80 10.31 18.73
C ALA C 61 -17.00 10.11 17.23
N ILE C 62 -16.96 11.22 16.47
CA ILE C 62 -17.03 11.13 15.02
C ILE C 62 -15.94 10.21 14.50
N ILE C 63 -14.71 10.37 15.02
CA ILE C 63 -13.60 9.56 14.54
C ILE C 63 -13.90 8.09 14.78
N SER C 64 -14.39 7.75 15.98
CA SER C 64 -14.68 6.35 16.29
C SER C 64 -15.66 5.77 15.27
N VAL C 65 -16.81 6.42 15.12
CA VAL C 65 -17.84 5.85 14.24
C VAL C 65 -17.37 5.83 12.79
N ALA C 66 -16.68 6.89 12.37
CA ALA C 66 -16.23 6.96 10.97
C ALA C 66 -15.15 5.94 10.68
N GLU C 67 -14.25 5.68 11.64
CA GLU C 67 -13.27 4.63 11.45
C GLU C 67 -13.95 3.27 11.33
N SER C 68 -14.89 2.99 12.22
CA SER C 68 -15.64 1.74 12.11
C SER C 68 -16.27 1.59 10.73
N ALA C 69 -16.89 2.66 10.23
CA ALA C 69 -17.56 2.60 8.95
C ALA C 69 -16.56 2.44 7.80
N SER C 70 -15.48 3.24 7.82
CA SER C 70 -14.49 3.18 6.76
C SER C 70 -13.89 1.78 6.66
N GLN C 71 -13.63 1.13 7.81
CA GLN C 71 -13.11 -0.23 7.76
C GLN C 71 -14.19 -1.20 7.28
N GLU C 72 -15.41 -1.09 7.82
CA GLU C 72 -16.47 -2.01 7.41
C GLU C 72 -16.81 -1.83 5.94
N LEU C 73 -16.70 -0.62 5.40
CA LEU C 73 -16.99 -0.36 4.00
C LEU C 73 -15.77 -0.49 3.11
N GLN C 74 -14.71 -1.16 3.58
CA GLN C 74 -13.59 -1.58 2.76
C GLN C 74 -12.79 -0.42 2.20
N ARG C 75 -12.81 0.74 2.87
CA ARG C 75 -12.04 1.88 2.42
CA ARG C 75 -12.07 1.91 2.45
C ARG C 75 -10.83 2.14 3.29
N GLY C 76 -10.40 1.14 4.06
CA GLY C 76 -9.16 1.22 4.80
C GLY C 76 -9.23 2.13 6.01
N TYR C 77 -8.07 2.31 6.63
CA TYR C 77 -7.97 3.17 7.80
C TYR C 77 -8.41 4.58 7.46
N LEU C 78 -9.12 5.20 8.39
CA LEU C 78 -9.59 6.56 8.18
C LEU C 78 -8.41 7.53 8.23
N GLN C 79 -8.46 8.55 7.38
CA GLN C 79 -7.45 9.59 7.37
C GLN C 79 -8.01 10.97 7.69
N ARG C 80 -9.21 11.29 7.19
CA ARG C 80 -9.71 12.65 7.28
C ARG C 80 -11.22 12.65 7.06
N ILE C 81 -11.91 13.49 7.84
CA ILE C 81 -13.35 13.68 7.76
C ILE C 81 -13.63 15.14 7.48
N LEU C 82 -14.61 15.41 6.62
CA LEU C 82 -15.15 16.74 6.41
C LEU C 82 -16.65 16.70 6.66
N LEU C 83 -17.10 17.40 7.71
CA LEU C 83 -18.52 17.59 7.97
C LEU C 83 -18.91 18.98 7.46
N GLU C 84 -19.77 19.03 6.45
CA GLU C 84 -20.26 20.28 5.90
C GLU C 84 -21.66 20.51 6.45
N GLY C 85 -21.78 21.46 7.38
CA GLY C 85 -23.06 21.92 7.85
C GLY C 85 -23.51 23.17 7.12
N GLU C 86 -24.75 23.58 7.41
CA GLU C 86 -25.31 24.74 6.71
C GLU C 86 -24.67 26.05 7.16
N LEU C 87 -23.97 26.06 8.29
CA LEU C 87 -23.36 27.27 8.81
C LEU C 87 -21.83 27.23 8.82
N GLY C 88 -21.22 26.07 8.60
CA GLY C 88 -19.77 25.99 8.60
C GLY C 88 -19.33 24.55 8.47
N THR C 89 -18.02 24.38 8.34
CA THR C 89 -17.43 23.08 8.08
C THR C 89 -16.44 22.71 9.17
N ILE C 90 -16.41 21.41 9.49
CA ILE C 90 -15.53 20.84 10.49
C ILE C 90 -14.66 19.79 9.81
N ILE C 91 -13.35 19.99 9.84
CA ILE C 91 -12.38 19.07 9.26
C ILE C 91 -11.65 18.37 10.40
N ILE C 92 -11.63 17.04 10.38
CA ILE C 92 -11.02 16.25 11.43
C ILE C 92 -10.00 15.32 10.77
N SER C 93 -8.71 15.61 10.97
CA SER C 93 -7.64 14.87 10.34
C SER C 93 -6.85 14.12 11.39
N LYS C 94 -6.56 12.85 11.13
CA LYS C 94 -5.62 12.13 11.98
C LYS C 94 -4.21 12.69 11.75
N ALA C 95 -3.50 12.95 12.84
CA ALA C 95 -2.15 13.51 12.81
C ALA C 95 -1.26 12.53 13.56
N GLY C 96 -0.92 11.43 12.91
CA GLY C 96 -0.21 10.35 13.58
C GLY C 96 -1.15 9.55 14.45
N PRO C 97 -0.60 8.55 15.15
CA PRO C 97 -1.46 7.68 15.97
C PRO C 97 -1.84 8.27 17.32
N HIS C 98 -1.30 9.42 17.69
CA HIS C 98 -1.52 9.98 19.02
C HIS C 98 -2.32 11.27 19.04
N ALA C 99 -2.65 11.83 17.88
CA ALA C 99 -3.30 13.13 17.85
C ALA C 99 -4.22 13.25 16.64
N ILE C 100 -5.23 14.11 16.79
CA ILE C 100 -6.13 14.49 15.71
C ILE C 100 -6.23 16.01 15.70
N LEU C 101 -6.25 16.58 14.50
CA LEU C 101 -6.39 18.01 14.30
C LEU C 101 -7.82 18.31 13.87
N VAL C 102 -8.50 19.16 14.60
CA VAL C 102 -9.85 19.62 14.28
C VAL C 102 -9.74 21.07 13.82
N SER C 103 -10.31 21.37 12.66
CA SER C 103 -10.27 22.70 12.06
C SER C 103 -11.69 23.13 11.76
N LEU C 104 -12.10 24.26 12.32
CA LEU C 104 -13.39 24.89 12.04
C LEU C 104 -13.15 25.95 10.98
N VAL C 105 -13.87 25.82 9.85
CA VAL C 105 -13.67 26.68 8.69
C VAL C 105 -15.02 27.18 8.19
N ASP C 106 -14.97 28.29 7.45
CA ASP C 106 -16.15 29.00 7.00
C ASP C 106 -16.96 28.16 6.01
N LYS C 107 -18.27 28.48 5.95
CA LYS C 107 -19.15 27.84 4.98
C LYS C 107 -18.60 27.95 3.56
N ASP C 108 -18.04 29.09 3.20
CA ASP C 108 -17.60 29.37 1.85
C ASP C 108 -16.08 29.26 1.69
N ALA C 109 -15.39 28.68 2.67
CA ALA C 109 -13.94 28.58 2.59
C ALA C 109 -13.51 27.87 1.31
N LYS C 110 -12.27 28.11 0.92
CA LYS C 110 -11.64 27.39 -0.19
C LYS C 110 -11.00 26.14 0.38
N LEU C 111 -11.61 24.99 0.11
CA LEU C 111 -11.23 23.77 0.83
C LEU C 111 -9.95 23.14 0.29
N GLY C 112 -9.64 23.31 -1.00
CA GLY C 112 -8.40 22.73 -1.51
C GLY C 112 -7.17 23.29 -0.83
N ILE C 113 -7.05 24.61 -0.79
CA ILE C 113 -5.91 25.26 -0.15
C ILE C 113 -5.85 24.88 1.33
N ILE C 114 -7.00 24.92 2.01
CA ILE C 114 -7.02 24.62 3.43
C ILE C 114 -6.58 23.19 3.68
N LEU C 115 -7.01 22.26 2.82
CA LEU C 115 -6.61 20.86 3.00
C LEU C 115 -5.13 20.66 2.73
N MET C 116 -4.55 21.41 1.79
CA MET C 116 -3.11 21.36 1.59
C MET C 116 -2.38 21.82 2.85
N LEU C 117 -2.78 22.98 3.37
CA LEU C 117 -2.17 23.49 4.60
C LEU C 117 -2.34 22.51 5.75
N ILE C 118 -3.50 21.84 5.81
CA ILE C 118 -3.75 20.90 6.89
C ILE C 118 -2.88 19.66 6.73
N ASP C 119 -2.66 19.20 5.50
CA ASP C 119 -1.72 18.11 5.27
C ASP C 119 -0.36 18.46 5.86
N LYS C 120 0.14 19.65 5.52
CA LYS C 120 1.41 20.09 6.10
C LYS C 120 1.35 20.09 7.63
N ALA C 121 0.29 20.67 8.18
CA ALA C 121 0.19 20.80 9.63
C ALA C 121 0.17 19.43 10.31
N ILE C 122 -0.55 18.46 9.75
CA ILE C 122 -0.65 17.16 10.39
C ILE C 122 0.67 16.41 10.27
N LYS C 123 1.40 16.57 9.17
CA LYS C 123 2.73 15.98 9.11
C LYS C 123 3.62 16.54 10.22
N GLN C 124 3.60 17.86 10.41
CA GLN C 124 4.39 18.46 11.48
C GLN C 124 3.95 17.95 12.84
N ILE C 125 2.64 17.87 13.07
CA ILE C 125 2.13 17.43 14.37
C ILE C 125 2.57 15.99 14.65
N ALA C 126 2.41 15.11 13.65
CA ALA C 126 2.84 13.73 13.83
C ALA C 126 4.32 13.66 14.14
N GLU C 127 5.14 14.45 13.43
CA GLU C 127 6.57 14.49 13.74
C GLU C 127 6.80 14.86 15.21
N LEU C 128 6.07 15.88 15.70
CA LEU C 128 6.29 16.34 17.06
C LEU C 128 5.80 15.33 18.09
N MET C 129 4.77 14.55 17.78
CA MET C 129 4.19 13.62 18.74
C MET C 129 4.97 12.31 18.84
N ASP C 130 5.84 12.01 17.87
CA ASP C 130 6.41 10.68 17.76
C ASP C 130 7.48 10.46 18.83
N ALA C 131 7.41 9.32 19.50
CA ALA C 131 8.39 8.95 20.52
C ALA C 131 8.82 7.50 20.33
N THR D 12 -36.89 -1.78 -12.41
CA THR D 12 -36.00 -0.70 -11.98
C THR D 12 -36.80 0.57 -11.64
N ASP D 13 -36.44 1.21 -10.54
CA ASP D 13 -37.15 2.39 -10.06
C ASP D 13 -36.55 3.65 -10.67
N LYS D 14 -37.28 4.77 -10.50
CA LYS D 14 -36.84 6.04 -11.08
C LYS D 14 -35.47 6.44 -10.55
N LEU D 15 -35.24 6.28 -9.24
CA LEU D 15 -34.01 6.75 -8.62
C LEU D 15 -32.79 6.01 -9.17
N TRP D 16 -32.94 4.73 -9.51
CA TRP D 16 -31.81 3.99 -10.04
C TRP D 16 -31.24 4.68 -11.27
N TYR D 17 -32.08 5.34 -12.07
CA TYR D 17 -31.58 6.02 -13.26
C TYR D 17 -30.75 7.25 -12.89
N ILE D 18 -31.10 7.94 -11.80
CA ILE D 18 -30.23 8.99 -11.29
C ILE D 18 -28.88 8.40 -10.93
N LEU D 19 -28.87 7.25 -10.28
CA LEU D 19 -27.60 6.62 -9.92
C LEU D 19 -26.82 6.23 -11.19
N GLN D 20 -27.52 5.73 -12.20
CA GLN D 20 -26.86 5.35 -13.45
C GLN D 20 -26.22 6.57 -14.12
N GLU D 21 -26.97 7.67 -14.21
CA GLU D 21 -26.43 8.89 -14.79
C GLU D 21 -25.20 9.37 -14.01
N LEU D 22 -25.28 9.34 -12.68
CA LEU D 22 -24.17 9.81 -11.86
C LEU D 22 -22.94 8.94 -12.04
N THR D 23 -23.11 7.61 -12.00
CA THR D 23 -21.96 6.72 -12.03
C THR D 23 -21.36 6.62 -13.43
N SER D 24 -22.17 6.79 -14.47
CA SER D 24 -21.65 6.69 -15.83
C SER D 24 -20.99 7.98 -16.31
N ASN D 25 -21.19 9.10 -15.61
CA ASN D 25 -20.50 10.33 -15.97
C ASN D 25 -19.05 10.33 -15.52
N ARG D 26 -18.69 9.53 -14.52
CA ARG D 26 -17.37 9.59 -13.91
C ARG D 26 -16.84 8.17 -13.68
N GLY D 27 -15.65 7.90 -14.23
CA GLY D 27 -15.01 6.63 -13.97
C GLY D 27 -14.44 6.50 -12.58
N ASP D 28 -14.24 7.62 -11.88
CA ASP D 28 -13.73 7.61 -10.52
C ASP D 28 -14.84 7.57 -9.47
N ILE D 29 -16.10 7.41 -9.89
CA ILE D 29 -17.20 7.10 -8.99
C ILE D 29 -17.39 5.60 -9.02
N GLN D 30 -17.02 4.92 -7.94
CA GLN D 30 -17.06 3.46 -7.93
C GLN D 30 -18.47 2.93 -7.77
N GLY D 31 -19.32 3.62 -7.00
CA GLY D 31 -20.67 3.13 -6.82
C GLY D 31 -21.52 4.11 -6.02
N CYS D 32 -22.82 3.82 -6.00
CA CYS D 32 -23.76 4.68 -5.29
C CYS D 32 -24.89 3.84 -4.70
N THR D 33 -25.49 4.36 -3.65
CA THR D 33 -26.69 3.76 -3.08
C THR D 33 -27.52 4.84 -2.39
N ILE D 34 -28.83 4.81 -2.63
CA ILE D 34 -29.78 5.68 -1.96
C ILE D 34 -30.42 4.90 -0.82
N VAL D 35 -30.42 5.53 0.36
CA VAL D 35 -30.82 4.91 1.62
C VAL D 35 -31.84 5.80 2.31
N THR D 36 -32.73 5.19 3.09
CA THR D 36 -33.65 5.97 3.91
C THR D 36 -32.90 6.58 5.10
N THR D 37 -33.54 7.57 5.74
CA THR D 37 -32.93 8.16 6.93
C THR D 37 -32.76 7.13 8.04
N GLN D 38 -33.58 6.08 8.05
CA GLN D 38 -33.50 5.03 9.06
C GLN D 38 -32.42 4.00 8.75
N GLY D 39 -31.71 4.14 7.64
CA GLY D 39 -30.67 3.19 7.28
C GLY D 39 -31.13 1.98 6.51
N LEU D 40 -32.27 2.07 5.82
CA LEU D 40 -32.74 0.98 4.97
C LEU D 40 -32.47 1.29 3.50
N PRO D 41 -32.01 0.30 2.73
CA PRO D 41 -31.66 0.59 1.33
C PRO D 41 -32.89 0.88 0.48
N ILE D 42 -32.82 1.97 -0.29
CA ILE D 42 -33.83 2.24 -1.30
C ILE D 42 -33.42 1.65 -2.65
N THR D 43 -32.21 1.97 -3.11
CA THR D 43 -31.74 1.42 -4.38
C THR D 43 -30.23 1.57 -4.43
N SER D 44 -29.59 0.84 -5.35
CA SER D 44 -28.14 0.80 -5.38
C SER D 44 -27.64 0.47 -6.78
N LEU D 45 -26.47 1.02 -7.10
CA LEU D 45 -25.70 0.69 -8.31
C LEU D 45 -24.27 0.55 -7.78
N LEU D 46 -23.89 -0.67 -7.42
CA LEU D 46 -22.65 -0.94 -6.72
C LEU D 46 -21.92 -2.11 -7.36
N ALA D 47 -20.68 -2.30 -6.93
CA ALA D 47 -19.97 -3.54 -7.25
C ALA D 47 -20.71 -4.71 -6.62
N ASP D 48 -20.71 -5.83 -7.32
CA ASP D 48 -21.60 -6.94 -6.96
C ASP D 48 -21.30 -7.51 -5.57
N ASP D 49 -20.06 -7.39 -5.10
CA ASP D 49 -19.70 -7.93 -3.81
C ASP D 49 -20.23 -7.11 -2.64
N ALA D 50 -20.51 -5.82 -2.87
CA ALA D 50 -20.83 -4.91 -1.77
C ALA D 50 -22.06 -5.38 -0.99
N ASN D 51 -22.04 -5.10 0.31
CA ASN D 51 -23.14 -5.43 1.22
C ASN D 51 -24.03 -4.19 1.33
N VAL D 52 -25.16 -4.22 0.62
CA VAL D 52 -26.01 -3.02 0.54
C VAL D 52 -26.58 -2.67 1.90
N SER D 53 -27.04 -3.68 2.65
CA SER D 53 -27.62 -3.42 3.96
C SER D 53 -26.60 -2.80 4.91
N LEU D 54 -25.38 -3.35 4.94
CA LEU D 54 -24.34 -2.82 5.82
C LEU D 54 -23.99 -1.39 5.44
N ILE D 55 -23.88 -1.11 4.14
CA ILE D 55 -23.58 0.25 3.70
C ILE D 55 -24.68 1.20 4.15
N SER D 56 -25.94 0.82 3.95
CA SER D 56 -27.06 1.64 4.41
C SER D 56 -26.97 1.93 5.90
N ALA D 57 -26.76 0.88 6.70
CA ALA D 57 -26.78 1.05 8.15
C ALA D 57 -25.61 1.90 8.62
N MET D 58 -24.40 1.64 8.10
CA MET D 58 -23.24 2.42 8.53
C MET D 58 -23.38 3.88 8.10
N SER D 59 -23.91 4.12 6.90
CA SER D 59 -24.12 5.51 6.47
C SER D 59 -25.10 6.21 7.40
N ALA D 60 -26.19 5.53 7.78
CA ALA D 60 -27.14 6.14 8.70
C ALA D 60 -26.48 6.45 10.05
N ALA D 61 -25.64 5.54 10.54
CA ALA D 61 -24.97 5.76 11.82
C ALA D 61 -24.04 6.97 11.75
N ILE D 62 -23.23 7.04 10.69
CA ILE D 62 -22.39 8.21 10.50
C ILE D 62 -23.24 9.47 10.50
N ILE D 63 -24.37 9.44 9.78
CA ILE D 63 -25.20 10.64 9.68
C ILE D 63 -25.70 11.05 11.05
N SER D 64 -26.13 10.08 11.87
CA SER D 64 -26.62 10.41 13.20
C SER D 64 -25.54 11.12 14.03
N VAL D 65 -24.37 10.50 14.12
CA VAL D 65 -23.32 11.08 14.95
C VAL D 65 -22.90 12.44 14.41
N ALA D 66 -22.71 12.55 13.09
CA ALA D 66 -22.26 13.80 12.50
C ALA D 66 -23.32 14.88 12.64
N GLU D 67 -24.61 14.51 12.58
CA GLU D 67 -25.68 15.49 12.77
C GLU D 67 -25.63 16.07 14.18
N SER D 68 -25.52 15.18 15.18
CA SER D 68 -25.39 15.67 16.54
C SER D 68 -24.18 16.59 16.68
N ALA D 69 -23.04 16.21 16.09
CA ALA D 69 -21.84 17.02 16.19
C ALA D 69 -22.05 18.39 15.55
N SER D 70 -22.57 18.42 14.33
CA SER D 70 -22.75 19.68 13.61
C SER D 70 -23.70 20.60 14.38
N GLN D 71 -24.78 20.05 14.93
CA GLN D 71 -25.73 20.91 15.64
C GLN D 71 -25.14 21.41 16.95
N GLU D 72 -24.52 20.51 17.73
CA GLU D 72 -24.00 20.92 19.04
C GLU D 72 -22.85 21.91 18.89
N LEU D 73 -22.06 21.79 17.83
CA LEU D 73 -20.92 22.68 17.61
C LEU D 73 -21.30 23.93 16.81
N GLN D 74 -22.60 24.25 16.71
CA GLN D 74 -23.06 25.52 16.16
C GLN D 74 -22.75 25.65 14.67
N ARG D 75 -22.66 24.53 13.96
CA ARG D 75 -22.49 24.53 12.51
C ARG D 75 -23.79 24.23 11.78
N GLY D 76 -24.91 24.25 12.48
CA GLY D 76 -26.20 24.03 11.84
C GLY D 76 -26.42 22.58 11.48
N TYR D 77 -27.48 22.37 10.70
CA TYR D 77 -27.81 21.01 10.27
C TYR D 77 -26.74 20.49 9.33
N LEU D 78 -26.54 19.18 9.38
CA LEU D 78 -25.60 18.53 8.49
C LEU D 78 -26.15 18.50 7.08
N GLN D 79 -25.27 18.70 6.10
CA GLN D 79 -25.62 18.58 4.70
C GLN D 79 -24.90 17.44 4.01
N ARG D 80 -23.65 17.18 4.38
CA ARG D 80 -22.79 16.27 3.63
C ARG D 80 -21.57 15.95 4.46
N ILE D 81 -21.11 14.69 4.39
CA ILE D 81 -19.89 14.27 5.05
CA ILE D 81 -19.89 14.27 5.05
CA ILE D 81 -19.92 14.22 5.07
C ILE D 81 -19.02 13.53 4.04
N LEU D 82 -17.71 13.71 4.18
CA LEU D 82 -16.73 13.03 3.35
C LEU D 82 -15.76 12.28 4.26
N LEU D 83 -15.74 10.95 4.14
CA LEU D 83 -14.74 10.11 4.79
C LEU D 83 -13.66 9.77 3.78
N GLU D 84 -12.43 10.22 4.04
CA GLU D 84 -11.29 9.88 3.20
C GLU D 84 -10.50 8.79 3.91
N GLY D 85 -10.59 7.56 3.40
CA GLY D 85 -9.79 6.46 3.89
C GLY D 85 -8.57 6.23 3.03
N GLU D 86 -7.67 5.37 3.52
CA GLU D 86 -6.44 5.11 2.79
C GLU D 86 -6.72 4.41 1.45
N LEU D 87 -7.83 3.68 1.36
CA LEU D 87 -8.15 2.92 0.16
C LEU D 87 -9.20 3.56 -0.73
N GLY D 88 -9.93 4.54 -0.23
CA GLY D 88 -10.96 5.18 -1.03
C GLY D 88 -11.73 6.19 -0.20
N THR D 89 -12.70 6.82 -0.85
CA THR D 89 -13.49 7.88 -0.25
C THR D 89 -14.97 7.53 -0.27
N ILE D 90 -15.67 7.95 0.79
CA ILE D 90 -17.11 7.83 0.90
C ILE D 90 -17.69 9.23 1.05
N ILE D 91 -18.72 9.53 0.25
CA ILE D 91 -19.43 10.79 0.34
C ILE D 91 -20.88 10.45 0.71
N ILE D 92 -21.34 10.96 1.85
CA ILE D 92 -22.70 10.72 2.32
C ILE D 92 -23.40 12.08 2.35
N SER D 93 -24.37 12.26 1.45
CA SER D 93 -25.06 13.53 1.29
C SER D 93 -26.53 13.35 1.63
N LYS D 94 -27.10 14.35 2.29
CA LYS D 94 -28.54 14.37 2.49
C LYS D 94 -29.24 14.68 1.18
N ALA D 95 -30.24 13.88 0.84
CA ALA D 95 -31.02 14.03 -0.39
C ALA D 95 -32.47 14.30 0.01
N GLY D 96 -32.73 15.50 0.51
CA GLY D 96 -34.02 15.82 1.07
C GLY D 96 -34.15 15.23 2.45
N PRO D 97 -35.32 15.41 3.08
CA PRO D 97 -35.51 14.90 4.44
C PRO D 97 -35.75 13.40 4.52
N HIS D 98 -35.96 12.72 3.39
CA HIS D 98 -36.34 11.32 3.41
C HIS D 98 -35.27 10.38 2.89
N ALA D 99 -34.15 10.89 2.38
CA ALA D 99 -33.16 10.03 1.74
C ALA D 99 -31.76 10.58 1.96
N ILE D 100 -30.79 9.67 1.82
CA ILE D 100 -29.37 10.01 1.79
C ILE D 100 -28.74 9.27 0.62
N LEU D 101 -27.80 9.93 -0.04
CA LEU D 101 -27.04 9.35 -1.14
C LEU D 101 -25.64 9.04 -0.65
N VAL D 102 -25.24 7.77 -0.77
CA VAL D 102 -23.89 7.32 -0.47
C VAL D 102 -23.17 7.10 -1.79
N SER D 103 -21.98 7.66 -1.92
CA SER D 103 -21.17 7.55 -3.14
C SER D 103 -19.78 7.05 -2.74
N LEU D 104 -19.40 5.92 -3.31
CA LEU D 104 -18.07 5.36 -3.15
C LEU D 104 -17.21 5.80 -4.32
N VAL D 105 -16.08 6.44 -4.01
CA VAL D 105 -15.28 7.21 -4.95
C VAL D 105 -13.81 6.83 -4.79
N ASP D 106 -13.07 6.91 -5.90
CA ASP D 106 -11.67 6.53 -5.90
C ASP D 106 -10.85 7.46 -4.99
N LYS D 107 -9.70 6.95 -4.57
CA LYS D 107 -8.79 7.75 -3.74
C LYS D 107 -8.30 8.99 -4.47
N ASP D 108 -8.09 8.89 -5.79
CA ASP D 108 -7.52 9.97 -6.58
C ASP D 108 -8.56 10.65 -7.45
N ALA D 109 -9.80 10.70 -7.00
CA ALA D 109 -10.88 11.26 -7.80
C ALA D 109 -10.87 12.79 -7.73
N LYS D 110 -11.37 13.41 -8.79
CA LYS D 110 -11.59 14.85 -8.81
C LYS D 110 -12.85 15.13 -7.99
N LEU D 111 -12.67 15.58 -6.75
CA LEU D 111 -13.81 15.69 -5.84
C LEU D 111 -14.70 16.89 -6.17
N GLY D 112 -14.18 17.93 -6.81
CA GLY D 112 -15.02 19.08 -7.13
C GLY D 112 -16.09 18.74 -8.15
N ILE D 113 -15.69 18.13 -9.28
CA ILE D 113 -16.64 17.73 -10.30
C ILE D 113 -17.65 16.74 -9.73
N ILE D 114 -17.16 15.78 -8.93
CA ILE D 114 -18.03 14.77 -8.38
C ILE D 114 -19.03 15.39 -7.41
N LEU D 115 -18.61 16.39 -6.63
CA LEU D 115 -19.52 17.03 -5.70
C LEU D 115 -20.57 17.87 -6.43
N MET D 116 -20.19 18.49 -7.55
CA MET D 116 -21.18 19.19 -8.36
C MET D 116 -22.22 18.22 -8.92
N LEU D 117 -21.75 17.13 -9.53
CA LEU D 117 -22.68 16.10 -10.01
C LEU D 117 -23.55 15.58 -8.86
N ILE D 118 -22.97 15.45 -7.67
CA ILE D 118 -23.71 14.87 -6.55
C ILE D 118 -24.80 15.82 -6.07
N ASP D 119 -24.51 17.13 -6.02
CA ASP D 119 -25.56 18.04 -5.59
C ASP D 119 -26.69 18.06 -6.61
N LYS D 120 -26.35 17.97 -7.90
CA LYS D 120 -27.42 17.79 -8.90
C LYS D 120 -28.23 16.53 -8.60
N ALA D 121 -27.55 15.42 -8.35
CA ALA D 121 -28.24 14.14 -8.15
C ALA D 121 -29.14 14.18 -6.92
N ILE D 122 -28.67 14.80 -5.83
CA ILE D 122 -29.48 14.83 -4.62
C ILE D 122 -30.64 15.79 -4.79
N LYS D 123 -30.49 16.85 -5.58
CA LYS D 123 -31.64 17.68 -5.90
C LYS D 123 -32.70 16.85 -6.63
N GLN D 124 -32.28 16.08 -7.64
CA GLN D 124 -33.23 15.22 -8.34
C GLN D 124 -33.88 14.21 -7.40
N ILE D 125 -33.08 13.60 -6.52
CA ILE D 125 -33.60 12.61 -5.59
C ILE D 125 -34.64 13.23 -4.68
N ALA D 126 -34.33 14.40 -4.11
CA ALA D 126 -35.29 15.07 -3.23
C ALA D 126 -36.56 15.42 -3.98
N GLU D 127 -36.44 15.86 -5.24
CA GLU D 127 -37.64 16.16 -6.01
C GLU D 127 -38.51 14.92 -6.18
N LEU D 128 -37.89 13.77 -6.43
CA LEU D 128 -38.68 12.56 -6.65
C LEU D 128 -39.23 11.99 -5.34
N MET D 129 -38.45 12.03 -4.26
CA MET D 129 -38.90 11.46 -2.99
C MET D 129 -40.13 12.19 -2.48
N ASP D 130 -40.06 13.52 -2.41
CA ASP D 130 -41.27 14.30 -2.27
C ASP D 130 -42.09 14.20 -3.56
N ALA D 131 -43.37 14.53 -3.46
CA ALA D 131 -44.25 14.45 -4.62
C ALA D 131 -44.30 13.03 -5.15
N HIS E 11 -0.60 -29.58 -24.57
CA HIS E 11 0.29 -29.10 -23.52
C HIS E 11 -0.44 -28.08 -22.64
N THR E 12 -0.66 -26.88 -23.18
CA THR E 12 -1.47 -25.88 -22.49
C THR E 12 -2.83 -26.45 -22.14
N ASP E 13 -3.38 -27.30 -23.01
CA ASP E 13 -4.70 -27.87 -22.77
C ASP E 13 -4.72 -28.70 -21.49
N LYS E 14 -3.71 -29.55 -21.29
CA LYS E 14 -3.70 -30.40 -20.11
C LYS E 14 -3.54 -29.56 -18.84
N LEU E 15 -2.73 -28.50 -18.89
CA LEU E 15 -2.62 -27.60 -17.74
C LEU E 15 -3.96 -26.94 -17.44
N TRP E 16 -4.64 -26.44 -18.47
CA TRP E 16 -5.94 -25.83 -18.24
C TRP E 16 -6.94 -26.83 -17.68
N TYR E 17 -6.83 -28.11 -18.09
CA TYR E 17 -7.75 -29.11 -17.55
C TYR E 17 -7.43 -29.45 -16.11
N ILE E 18 -6.14 -29.43 -15.74
CA ILE E 18 -5.79 -29.54 -14.32
C ILE E 18 -6.45 -28.41 -13.54
N LEU E 19 -6.36 -27.19 -14.06
CA LEU E 19 -7.03 -26.06 -13.42
C LEU E 19 -8.54 -26.28 -13.37
N GLN E 20 -9.10 -26.88 -14.42
CA GLN E 20 -10.53 -27.14 -14.45
C GLN E 20 -10.92 -28.09 -13.33
N GLU E 21 -10.17 -29.18 -13.15
CA GLU E 21 -10.41 -30.09 -12.03
C GLU E 21 -10.34 -29.32 -10.70
N LEU E 22 -9.21 -28.66 -10.46
CA LEU E 22 -9.01 -27.96 -9.20
C LEU E 22 -10.17 -27.02 -8.89
N THR E 23 -10.44 -26.09 -9.81
CA THR E 23 -11.52 -25.13 -9.59
C THR E 23 -12.87 -25.80 -9.53
N SER E 24 -13.08 -26.87 -10.30
CA SER E 24 -14.38 -27.52 -10.41
C SER E 24 -14.70 -28.41 -9.23
N ASN E 25 -13.76 -28.62 -8.31
CA ASN E 25 -14.07 -29.32 -7.08
C ASN E 25 -14.60 -28.41 -5.98
N ARG E 26 -14.43 -27.09 -6.10
CA ARG E 26 -14.77 -26.19 -5.02
C ARG E 26 -15.30 -24.86 -5.55
N GLY E 27 -16.42 -24.41 -4.99
CA GLY E 27 -16.97 -23.12 -5.33
C GLY E 27 -16.30 -21.94 -4.65
N ASP E 28 -15.61 -22.18 -3.54
CA ASP E 28 -14.90 -21.11 -2.84
C ASP E 28 -13.52 -20.82 -3.42
N ILE E 29 -13.13 -21.52 -4.48
CA ILE E 29 -11.94 -21.16 -5.25
C ILE E 29 -12.39 -20.20 -6.34
N GLN E 30 -12.02 -18.93 -6.21
CA GLN E 30 -12.46 -17.93 -7.18
C GLN E 30 -11.80 -18.12 -8.53
N GLY E 31 -10.50 -18.39 -8.55
CA GLY E 31 -9.82 -18.52 -9.83
C GLY E 31 -8.41 -19.03 -9.67
N CYS E 32 -7.81 -19.39 -10.81
CA CYS E 32 -6.46 -19.95 -10.80
C CYS E 32 -5.68 -19.47 -12.02
N THR E 33 -4.35 -19.49 -11.88
CA THR E 33 -3.47 -19.24 -13.01
C THR E 33 -2.15 -19.95 -12.79
N ILE E 34 -1.67 -20.62 -13.82
CA ILE E 34 -0.33 -21.22 -13.84
C ILE E 34 0.60 -20.24 -14.54
N VAL E 35 1.73 -19.94 -13.89
CA VAL E 35 2.65 -18.89 -14.29
C VAL E 35 4.07 -19.46 -14.20
N THR E 36 5.00 -18.80 -14.89
CA THR E 36 6.40 -19.10 -14.67
C THR E 36 6.90 -18.41 -13.40
N THR E 37 8.04 -18.89 -12.89
CA THR E 37 8.54 -18.36 -11.63
C THR E 37 8.81 -16.87 -11.70
N GLN E 38 9.20 -16.36 -12.87
CA GLN E 38 9.51 -14.95 -13.03
C GLN E 38 8.31 -14.13 -13.52
N GLY E 39 7.13 -14.72 -13.58
CA GLY E 39 5.90 -13.97 -13.72
C GLY E 39 5.23 -13.98 -15.06
N LEU E 40 5.54 -14.93 -15.94
CA LEU E 40 4.89 -15.00 -17.24
C LEU E 40 3.73 -15.97 -17.18
N PRO E 41 2.50 -15.55 -17.47
CA PRO E 41 1.36 -16.47 -17.34
C PRO E 41 1.43 -17.59 -18.36
N ILE E 42 1.26 -18.83 -17.88
CA ILE E 42 1.22 -19.99 -18.75
C ILE E 42 -0.20 -20.33 -19.17
N THR E 43 -1.13 -20.31 -18.21
CA THR E 43 -2.54 -20.48 -18.53
C THR E 43 -3.36 -19.98 -17.35
N SER E 44 -4.66 -19.84 -17.54
CA SER E 44 -5.50 -19.25 -16.52
C SER E 44 -6.93 -19.75 -16.64
N LEU E 45 -7.63 -19.73 -15.49
CA LEU E 45 -9.07 -19.95 -15.38
C LEU E 45 -9.55 -18.87 -14.42
N LEU E 46 -9.96 -17.73 -14.98
CA LEU E 46 -10.27 -16.54 -14.22
C LEU E 46 -11.49 -15.84 -14.81
N ALA E 47 -12.05 -14.92 -14.03
CA ALA E 47 -13.13 -14.08 -14.53
C ALA E 47 -12.64 -13.21 -15.68
N ASP E 48 -13.58 -12.81 -16.55
CA ASP E 48 -13.21 -12.05 -17.74
C ASP E 48 -12.45 -10.78 -17.38
N ASP E 49 -12.81 -10.14 -16.27
CA ASP E 49 -12.22 -8.85 -15.93
C ASP E 49 -10.91 -8.98 -15.16
N ALA E 50 -10.68 -10.12 -14.49
CA ALA E 50 -9.47 -10.28 -13.70
C ALA E 50 -8.23 -9.94 -14.51
N ASN E 51 -7.22 -9.39 -13.85
CA ASN E 51 -5.98 -8.97 -14.49
C ASN E 51 -4.96 -10.08 -14.32
N VAL E 52 -4.91 -11.00 -15.29
CA VAL E 52 -4.01 -12.14 -15.20
C VAL E 52 -2.56 -11.67 -15.13
N SER E 53 -2.20 -10.67 -15.95
CA SER E 53 -0.80 -10.24 -16.01
C SER E 53 -0.37 -9.62 -14.69
N LEU E 54 -1.21 -8.79 -14.08
CA LEU E 54 -0.86 -8.20 -12.80
C LEU E 54 -0.76 -9.26 -11.70
N ILE E 55 -1.71 -10.20 -11.69
CA ILE E 55 -1.66 -11.30 -10.73
C ILE E 55 -0.33 -12.04 -10.88
N SER E 56 0.07 -12.30 -12.12
CA SER E 56 1.32 -13.03 -12.36
C SER E 56 2.52 -12.23 -11.84
N ALA E 57 2.58 -10.95 -12.18
CA ALA E 57 3.75 -10.14 -11.79
C ALA E 57 3.85 -10.03 -10.28
N MET E 58 2.73 -9.76 -9.61
CA MET E 58 2.75 -9.64 -8.15
C MET E 58 3.11 -10.97 -7.50
N SER E 59 2.55 -12.07 -8.00
CA SER E 59 2.90 -13.38 -7.47
C SER E 59 4.38 -13.65 -7.61
N ALA E 60 4.97 -13.27 -8.75
CA ALA E 60 6.40 -13.47 -8.94
C ALA E 60 7.22 -12.64 -7.97
N ALA E 61 6.82 -11.38 -7.74
CA ALA E 61 7.54 -10.54 -6.80
C ALA E 61 7.51 -11.13 -5.39
N ILE E 62 6.30 -11.49 -4.92
CA ILE E 62 6.20 -12.05 -3.59
C ILE E 62 6.97 -13.36 -3.52
N ILE E 63 6.98 -14.14 -4.61
CA ILE E 63 7.73 -15.40 -4.60
C ILE E 63 9.22 -15.12 -4.44
N SER E 64 9.75 -14.13 -5.15
CA SER E 64 11.16 -13.80 -5.02
C SER E 64 11.51 -13.46 -3.59
N VAL E 65 10.76 -12.51 -3.01
CA VAL E 65 11.05 -12.09 -1.64
C VAL E 65 10.93 -13.26 -0.68
N ALA E 66 9.86 -14.05 -0.82
CA ALA E 66 9.60 -15.13 0.12
C ALA E 66 10.61 -16.26 -0.02
N GLU E 67 11.08 -16.54 -1.24
CA GLU E 67 12.11 -17.54 -1.44
C GLU E 67 13.39 -17.14 -0.74
N SER E 68 13.83 -15.89 -0.96
CA SER E 68 15.01 -15.42 -0.24
C SER E 68 14.81 -15.55 1.26
N ALA E 69 13.65 -15.13 1.77
CA ALA E 69 13.42 -15.15 3.21
C ALA E 69 13.42 -16.58 3.75
N SER E 70 12.69 -17.48 3.07
CA SER E 70 12.62 -18.86 3.52
C SER E 70 13.99 -19.50 3.57
N GLN E 71 14.85 -19.18 2.60
CA GLN E 71 16.19 -19.77 2.63
C GLN E 71 17.05 -19.16 3.72
N GLU E 72 16.98 -17.84 3.92
CA GLU E 72 17.78 -17.21 4.97
C GLU E 72 17.40 -17.75 6.34
N LEU E 73 16.10 -17.80 6.63
CA LEU E 73 15.61 -18.19 7.94
C LEU E 73 15.62 -19.69 8.16
N GLN E 74 16.28 -20.46 7.29
CA GLN E 74 16.45 -21.90 7.47
C GLN E 74 15.11 -22.63 7.49
N ARG E 75 14.19 -22.19 6.63
CA ARG E 75 12.95 -22.92 6.40
C ARG E 75 13.05 -23.80 5.16
N GLY E 76 14.24 -23.90 4.57
CA GLY E 76 14.42 -24.69 3.37
C GLY E 76 13.86 -24.00 2.14
N TYR E 77 13.75 -24.78 1.07
CA TYR E 77 13.19 -24.26 -0.17
C TYR E 77 11.71 -23.92 0.02
N LEU E 78 11.31 -22.76 -0.47
CA LEU E 78 9.91 -22.37 -0.37
C LEU E 78 9.03 -23.39 -1.08
N GLN E 79 7.90 -23.70 -0.46
CA GLN E 79 6.87 -24.54 -1.07
C GLN E 79 5.62 -23.76 -1.39
N ARG E 80 5.14 -22.95 -0.45
CA ARG E 80 3.82 -22.35 -0.53
C ARG E 80 3.80 -21.05 0.23
N ILE E 81 3.02 -20.10 -0.29
CA ILE E 81 2.74 -18.83 0.36
C ILE E 81 1.23 -18.69 0.47
N LEU E 82 0.75 -18.24 1.63
CA LEU E 82 -0.66 -17.92 1.83
C LEU E 82 -0.75 -16.46 2.27
N LEU E 83 -1.26 -15.60 1.38
CA LEU E 83 -1.56 -14.21 1.70
C LEU E 83 -3.03 -14.13 2.08
N GLU E 84 -3.31 -13.86 3.34
CA GLU E 84 -4.67 -13.70 3.81
C GLU E 84 -4.97 -12.20 3.90
N GLY E 85 -5.80 -11.72 2.97
CA GLY E 85 -6.30 -10.36 3.02
C GLY E 85 -7.70 -10.31 3.59
N GLU E 86 -8.13 -9.09 3.94
CA GLU E 86 -9.45 -8.91 4.54
C GLU E 86 -10.57 -9.26 3.58
N LEU E 87 -10.32 -9.22 2.26
CA LEU E 87 -11.35 -9.47 1.27
C LEU E 87 -11.20 -10.81 0.56
N GLY E 88 -10.07 -11.48 0.72
CA GLY E 88 -9.85 -12.76 0.07
C GLY E 88 -8.46 -13.27 0.38
N THR E 89 -8.19 -14.48 -0.10
CA THR E 89 -6.91 -15.12 0.13
C THR E 89 -6.27 -15.51 -1.20
N ILE E 90 -4.94 -15.42 -1.23
CA ILE E 90 -4.14 -15.79 -2.38
C ILE E 90 -3.18 -16.88 -1.93
N ILE E 91 -3.21 -18.02 -2.63
CA ILE E 91 -2.31 -19.14 -2.36
C ILE E 91 -1.38 -19.28 -3.55
N ILE E 92 -0.08 -19.23 -3.31
CA ILE E 92 0.93 -19.32 -4.35
C ILE E 92 1.76 -20.55 -4.05
N SER E 93 1.67 -21.57 -4.91
CA SER E 93 2.32 -22.84 -4.69
C SER E 93 3.32 -23.10 -5.81
N LYS E 94 4.52 -23.52 -5.45
CA LYS E 94 5.49 -23.89 -6.47
C LYS E 94 5.11 -25.24 -7.07
N ALA E 95 4.99 -25.27 -8.39
CA ALA E 95 4.64 -26.47 -9.15
C ALA E 95 5.87 -26.86 -9.95
N GLY E 96 6.84 -27.48 -9.26
CA GLY E 96 8.13 -27.73 -9.85
C GLY E 96 8.97 -26.47 -9.83
N PRO E 97 10.24 -26.58 -10.22
CA PRO E 97 11.13 -25.41 -10.15
C PRO E 97 10.89 -24.36 -11.22
N HIS E 98 10.00 -24.61 -12.18
CA HIS E 98 9.80 -23.71 -13.30
C HIS E 98 8.42 -23.09 -13.36
N ALA E 99 7.51 -23.43 -12.45
CA ALA E 99 6.15 -22.94 -12.52
C ALA E 99 5.59 -22.70 -11.12
N ILE E 100 4.56 -21.87 -11.06
CA ILE E 100 3.82 -21.60 -9.84
C ILE E 100 2.33 -21.59 -10.18
N LEU E 101 1.52 -22.08 -9.24
CA LEU E 101 0.08 -22.04 -9.30
C LEU E 101 -0.42 -20.99 -8.33
N VAL E 102 -1.18 -20.03 -8.84
CA VAL E 102 -1.81 -18.99 -8.03
C VAL E 102 -3.30 -19.30 -7.95
N SER E 103 -3.82 -19.37 -6.73
CA SER E 103 -5.21 -19.70 -6.46
C SER E 103 -5.82 -18.57 -5.64
N LEU E 104 -6.78 -17.86 -6.24
CA LEU E 104 -7.57 -16.86 -5.55
C LEU E 104 -8.78 -17.55 -4.95
N VAL E 105 -8.89 -17.50 -3.62
CA VAL E 105 -9.94 -18.19 -2.88
C VAL E 105 -10.65 -17.21 -1.97
N ASP E 106 -11.88 -17.56 -1.62
CA ASP E 106 -12.75 -16.67 -0.86
C ASP E 106 -12.20 -16.44 0.55
N LYS E 107 -12.63 -15.32 1.13
CA LYS E 107 -12.18 -14.93 2.47
C LYS E 107 -12.41 -16.05 3.48
N ASP E 108 -13.62 -16.60 3.51
CA ASP E 108 -13.99 -17.61 4.50
C ASP E 108 -13.93 -19.03 3.94
N ALA E 109 -13.11 -19.24 2.91
CA ALA E 109 -12.99 -20.57 2.32
C ALA E 109 -12.50 -21.58 3.36
N LYS E 110 -12.74 -22.85 3.08
CA LYS E 110 -12.27 -23.94 3.93
C LYS E 110 -10.90 -24.36 3.41
N LEU E 111 -9.84 -23.91 4.09
CA LEU E 111 -8.50 -24.00 3.54
C LEU E 111 -7.98 -25.43 3.52
N GLY E 112 -8.43 -26.31 4.41
CA GLY E 112 -7.91 -27.67 4.40
C GLY E 112 -8.18 -28.38 3.09
N ILE E 113 -9.45 -28.41 2.66
CA ILE E 113 -9.80 -29.05 1.40
C ILE E 113 -9.08 -28.38 0.24
N ILE E 114 -9.02 -27.04 0.26
CA ILE E 114 -8.41 -26.34 -0.87
C ILE E 114 -6.93 -26.66 -0.96
N LEU E 115 -6.25 -26.78 0.18
CA LEU E 115 -4.83 -27.13 0.16
C LEU E 115 -4.64 -28.56 -0.32
N MET E 116 -5.54 -29.47 0.06
CA MET E 116 -5.48 -30.84 -0.48
C MET E 116 -5.57 -30.83 -2.01
N LEU E 117 -6.60 -30.18 -2.53
CA LEU E 117 -6.79 -30.13 -3.97
C LEU E 117 -5.62 -29.44 -4.66
N ILE E 118 -5.06 -28.39 -4.03
CA ILE E 118 -3.93 -27.69 -4.61
C ILE E 118 -2.71 -28.61 -4.65
N ASP E 119 -2.51 -29.41 -3.61
CA ASP E 119 -1.41 -30.37 -3.62
C ASP E 119 -1.53 -31.32 -4.81
N LYS E 120 -2.73 -31.87 -5.00
CA LYS E 120 -2.96 -32.72 -6.17
C LYS E 120 -2.61 -31.98 -7.46
N ALA E 121 -3.15 -30.77 -7.62
CA ALA E 121 -2.97 -30.02 -8.86
C ALA E 121 -1.50 -29.70 -9.11
N ILE E 122 -0.77 -29.32 -8.05
CA ILE E 122 0.63 -28.95 -8.26
C ILE E 122 1.47 -30.17 -8.59
N LYS E 123 1.14 -31.33 -8.01
CA LYS E 123 1.85 -32.54 -8.42
C LYS E 123 1.65 -32.80 -9.90
N GLN E 124 0.39 -32.72 -10.36
CA GLN E 124 0.12 -32.93 -11.78
C GLN E 124 0.87 -31.91 -12.64
N ILE E 125 0.85 -30.63 -12.25
CA ILE E 125 1.49 -29.60 -13.05
C ILE E 125 2.99 -29.85 -13.12
N ALA E 126 3.64 -30.03 -11.96
CA ALA E 126 5.07 -30.32 -11.95
C ALA E 126 5.39 -31.51 -12.84
N GLU E 127 4.52 -32.51 -12.87
CA GLU E 127 4.71 -33.61 -13.80
C GLU E 127 4.72 -33.12 -15.24
N LEU E 128 3.70 -32.35 -15.63
CA LEU E 128 3.60 -31.90 -17.01
C LEU E 128 4.73 -30.93 -17.37
N MET E 129 5.25 -30.17 -16.42
CA MET E 129 6.33 -29.23 -16.69
C MET E 129 7.67 -29.95 -16.73
N THR F 12 35.54 -4.89 7.47
CA THR F 12 34.47 -3.96 7.76
C THR F 12 34.99 -2.53 7.82
N ASP F 13 36.27 -2.40 8.19
CA ASP F 13 36.87 -1.06 8.30
C ASP F 13 37.05 -0.43 6.92
N LYS F 14 37.67 -1.16 5.99
CA LYS F 14 37.86 -0.59 4.66
C LYS F 14 36.53 -0.35 3.96
N LEU F 15 35.52 -1.19 4.24
CA LEU F 15 34.19 -0.93 3.71
C LEU F 15 33.65 0.40 4.22
N TRP F 16 33.74 0.62 5.52
CA TRP F 16 33.27 1.89 6.07
C TRP F 16 34.05 3.06 5.51
N TYR F 17 35.33 2.88 5.20
CA TYR F 17 36.09 3.99 4.62
C TYR F 17 35.71 4.23 3.16
N ILE F 18 35.38 3.17 2.42
CA ILE F 18 34.76 3.36 1.11
C ILE F 18 33.51 4.20 1.24
N LEU F 19 32.69 3.90 2.26
CA LEU F 19 31.48 4.67 2.48
C LEU F 19 31.79 6.12 2.84
N GLN F 20 32.87 6.34 3.61
CA GLN F 20 33.28 7.70 3.94
C GLN F 20 33.65 8.48 2.68
N GLU F 21 34.49 7.88 1.84
CA GLU F 21 34.80 8.45 0.53
C GLU F 21 33.53 8.83 -0.22
N LEU F 22 32.66 7.84 -0.44
CA LEU F 22 31.44 8.07 -1.22
C LEU F 22 30.61 9.19 -0.62
N THR F 23 30.34 9.11 0.69
CA THR F 23 29.43 10.04 1.34
C THR F 23 29.96 11.47 1.25
N SER F 24 31.26 11.67 1.47
CA SER F 24 31.78 13.02 1.66
C SER F 24 32.28 13.68 0.39
N ASN F 25 32.36 12.94 -0.73
CA ASN F 25 32.67 13.60 -1.99
C ASN F 25 31.72 14.77 -2.25
N ARG F 26 30.51 14.70 -1.69
CA ARG F 26 29.53 15.78 -1.77
C ARG F 26 28.49 15.60 -0.67
N GLY F 27 27.96 16.72 -0.17
CA GLY F 27 26.89 16.66 0.83
C GLY F 27 25.55 16.19 0.30
N ASP F 28 25.49 15.79 -0.98
CA ASP F 28 24.23 15.37 -1.58
C ASP F 28 23.89 13.92 -1.28
N ILE F 29 24.84 13.13 -0.79
CA ILE F 29 24.58 11.77 -0.36
C ILE F 29 24.24 11.81 1.11
N GLN F 30 22.95 11.60 1.43
CA GLN F 30 22.51 11.67 2.81
C GLN F 30 23.12 10.55 3.65
N GLY F 31 23.13 9.33 3.14
CA GLY F 31 23.65 8.23 3.92
C GLY F 31 23.90 7.00 3.08
N CYS F 32 24.60 6.03 3.66
CA CYS F 32 24.94 4.83 2.92
C CYS F 32 24.99 3.62 3.84
N THR F 33 24.76 2.45 3.25
CA THR F 33 24.94 1.20 3.97
C THR F 33 25.27 0.07 3.00
N ILE F 34 26.20 -0.79 3.41
CA ILE F 34 26.53 -2.01 2.70
C ILE F 34 25.85 -3.17 3.42
N VAL F 35 25.09 -3.96 2.65
CA VAL F 35 24.17 -4.95 3.18
C VAL F 35 24.41 -6.27 2.46
N THR F 36 24.07 -7.37 3.12
CA THR F 36 24.08 -8.66 2.44
C THR F 36 22.91 -8.72 1.45
N THR F 37 22.99 -9.67 0.53
CA THR F 37 21.95 -9.81 -0.49
C THR F 37 20.59 -10.09 0.12
N GLN F 38 20.54 -10.65 1.33
CA GLN F 38 19.29 -11.04 1.95
C GLN F 38 18.91 -10.12 3.11
N GLY F 39 19.54 -8.96 3.23
CA GLY F 39 19.04 -7.90 4.07
C GLY F 39 19.77 -7.68 5.38
N LEU F 40 20.91 -8.30 5.60
CA LEU F 40 21.66 -8.11 6.84
C LEU F 40 22.67 -6.99 6.66
N PRO F 41 22.61 -5.93 7.47
CA PRO F 41 23.57 -4.83 7.28
C PRO F 41 24.99 -5.27 7.61
N ILE F 42 25.90 -5.00 6.69
CA ILE F 42 27.33 -5.27 6.92
C ILE F 42 28.00 -4.07 7.57
N THR F 43 27.84 -2.89 7.00
CA THR F 43 28.36 -1.67 7.62
C THR F 43 27.51 -0.50 7.18
N SER F 44 27.58 0.60 7.94
CA SER F 44 26.68 1.70 7.70
C SER F 44 27.33 3.03 8.06
N LEU F 45 26.98 4.06 7.30
CA LEU F 45 27.32 5.45 7.58
C LEU F 45 25.98 6.17 7.49
N LEU F 46 25.31 6.26 8.63
CA LEU F 46 23.95 6.80 8.71
C LEU F 46 23.80 7.61 10.00
N ALA F 47 22.82 8.50 9.99
CA ALA F 47 22.47 9.24 11.20
C ALA F 47 22.10 8.29 12.32
N ASP F 48 22.34 8.73 13.55
CA ASP F 48 22.03 7.90 14.72
C ASP F 48 20.57 7.47 14.71
N ASP F 49 19.68 8.35 14.25
CA ASP F 49 18.24 8.07 14.31
C ASP F 49 17.80 7.08 13.24
N ALA F 50 18.55 6.94 12.14
CA ALA F 50 18.10 6.13 11.02
C ALA F 50 17.90 4.67 11.46
N ASN F 51 17.04 3.97 10.70
CA ASN F 51 16.71 2.57 10.96
C ASN F 51 17.49 1.71 9.97
N VAL F 52 18.66 1.25 10.39
CA VAL F 52 19.53 0.48 9.50
C VAL F 52 18.86 -0.82 9.08
N SER F 53 18.23 -1.52 10.03
CA SER F 53 17.69 -2.84 9.74
C SER F 53 16.57 -2.78 8.70
N LEU F 54 15.67 -1.80 8.82
CA LEU F 54 14.58 -1.67 7.87
C LEU F 54 15.10 -1.28 6.49
N ILE F 55 16.03 -0.33 6.43
CA ILE F 55 16.64 0.04 5.16
C ILE F 55 17.24 -1.19 4.49
N SER F 56 17.99 -1.98 5.26
CA SER F 56 18.62 -3.18 4.72
C SER F 56 17.60 -4.15 4.17
N ALA F 57 16.58 -4.47 4.96
CA ALA F 57 15.61 -5.48 4.55
C ALA F 57 14.78 -5.02 3.35
N MET F 58 14.33 -3.77 3.36
CA MET F 58 13.59 -3.25 2.23
C MET F 58 14.44 -3.25 0.98
N SER F 59 15.71 -2.84 1.08
CA SER F 59 16.57 -2.85 -0.09
C SER F 59 16.75 -4.25 -0.64
N ALA F 60 16.95 -5.23 0.24
CA ALA F 60 17.12 -6.60 -0.22
C ALA F 60 15.86 -7.08 -0.95
N ALA F 61 14.68 -6.79 -0.38
CA ALA F 61 13.44 -7.23 -1.01
C ALA F 61 13.25 -6.58 -2.38
N ILE F 62 13.47 -5.26 -2.45
CA ILE F 62 13.39 -4.57 -3.72
C ILE F 62 14.34 -5.20 -4.72
N ILE F 63 15.54 -5.58 -4.28
CA ILE F 63 16.51 -6.16 -5.18
C ILE F 63 16.02 -7.50 -5.71
N SER F 64 15.43 -8.32 -4.85
CA SER F 64 14.87 -9.59 -5.32
C SER F 64 13.83 -9.34 -6.42
N VAL F 65 12.85 -8.48 -6.13
CA VAL F 65 11.78 -8.23 -7.08
C VAL F 65 12.35 -7.66 -8.39
N ALA F 66 13.24 -6.68 -8.27
CA ALA F 66 13.79 -6.04 -9.46
C ALA F 66 14.72 -6.96 -10.22
N GLU F 67 15.37 -7.91 -9.54
CA GLU F 67 16.16 -8.91 -10.25
C GLU F 67 15.26 -9.73 -11.17
N SER F 68 14.18 -10.27 -10.60
CA SER F 68 13.25 -11.03 -11.43
C SER F 68 12.73 -10.19 -12.60
N ALA F 69 12.30 -8.96 -12.31
CA ALA F 69 11.71 -8.13 -13.36
C ALA F 69 12.73 -7.74 -14.41
N SER F 70 13.94 -7.35 -13.99
CA SER F 70 15.01 -7.04 -14.92
C SER F 70 15.23 -8.19 -15.89
N GLN F 71 15.38 -9.40 -15.36
CA GLN F 71 15.65 -10.54 -16.24
C GLN F 71 14.47 -10.80 -17.16
N GLU F 72 13.24 -10.69 -16.65
CA GLU F 72 12.08 -10.97 -17.50
C GLU F 72 11.74 -9.82 -18.45
N LEU F 73 12.19 -8.60 -18.15
CA LEU F 73 11.94 -7.45 -19.01
C LEU F 73 13.03 -7.27 -20.07
N GLN F 74 13.80 -8.31 -20.37
CA GLN F 74 14.83 -8.27 -21.41
C GLN F 74 15.96 -7.30 -21.07
N ARG F 75 16.11 -6.94 -19.81
CA ARG F 75 17.17 -6.02 -19.41
C ARG F 75 18.44 -6.74 -18.96
N GLY F 76 18.42 -8.07 -18.85
CA GLY F 76 19.55 -8.80 -18.35
C GLY F 76 19.60 -8.80 -16.83
N TYR F 77 20.75 -9.20 -16.30
CA TYR F 77 20.93 -9.24 -14.85
C TYR F 77 20.88 -7.83 -14.28
N LEU F 78 20.23 -7.69 -13.13
CA LEU F 78 20.10 -6.39 -12.49
C LEU F 78 21.46 -5.90 -12.03
N GLN F 79 21.76 -4.63 -12.31
CA GLN F 79 22.92 -3.95 -11.77
C GLN F 79 22.57 -2.94 -10.70
N ARG F 80 21.54 -2.13 -10.95
CA ARG F 80 21.25 -0.96 -10.12
C ARG F 80 19.80 -0.55 -10.34
N ILE F 81 19.18 -0.04 -9.28
CA ILE F 81 17.83 0.48 -9.36
C ILE F 81 17.76 1.78 -8.57
N LEU F 82 17.16 2.80 -9.17
CA LEU F 82 16.95 4.10 -8.54
C LEU F 82 15.47 4.28 -8.24
N LEU F 83 15.16 4.66 -7.01
CA LEU F 83 13.81 5.00 -6.58
C LEU F 83 13.80 6.50 -6.26
N GLU F 84 13.18 7.29 -7.13
CA GLU F 84 13.16 8.74 -6.97
C GLU F 84 11.82 9.15 -6.37
N GLY F 85 11.83 9.52 -5.10
CA GLY F 85 10.63 9.97 -4.42
C GLY F 85 10.58 11.49 -4.28
N GLU F 86 9.39 11.97 -3.89
CA GLU F 86 9.20 13.40 -3.76
C GLU F 86 10.13 14.02 -2.72
N LEU F 87 10.52 13.24 -1.70
CA LEU F 87 11.35 13.75 -0.62
C LEU F 87 12.81 13.31 -0.68
N GLY F 88 13.13 12.29 -1.45
CA GLY F 88 14.50 11.81 -1.52
C GLY F 88 14.61 10.64 -2.48
N THR F 89 15.85 10.26 -2.76
CA THR F 89 16.14 9.19 -3.69
C THR F 89 16.87 8.07 -2.97
N ILE F 90 16.59 6.83 -3.37
CA ILE F 90 17.28 5.65 -2.87
C ILE F 90 17.88 4.92 -4.06
N ILE F 91 19.20 4.77 -4.07
CA ILE F 91 19.90 4.05 -5.13
C ILE F 91 20.41 2.75 -4.52
N ILE F 92 19.97 1.63 -5.08
CA ILE F 92 20.34 0.30 -4.61
C ILE F 92 21.13 -0.35 -5.73
N SER F 93 22.41 -0.63 -5.49
CA SER F 93 23.31 -1.15 -6.49
C SER F 93 23.85 -2.51 -6.05
N LYS F 94 23.96 -3.43 -7.01
CA LYS F 94 24.61 -4.70 -6.74
C LYS F 94 26.12 -4.48 -6.67
N ALA F 95 26.73 -4.91 -5.58
CA ALA F 95 28.17 -4.78 -5.36
C ALA F 95 28.78 -6.17 -5.29
N GLY F 96 28.82 -6.86 -6.43
CA GLY F 96 29.17 -8.25 -6.46
C GLY F 96 27.97 -9.09 -6.04
N PRO F 97 28.10 -10.41 -6.13
CA PRO F 97 26.96 -11.29 -5.83
C PRO F 97 26.66 -11.42 -4.34
N HIS F 98 27.49 -10.86 -3.46
CA HIS F 98 27.34 -11.06 -2.03
C HIS F 98 26.96 -9.80 -1.26
N ALA F 99 26.92 -8.64 -1.92
CA ALA F 99 26.67 -7.41 -1.20
C ALA F 99 25.86 -6.46 -2.07
N ILE F 100 25.19 -5.52 -1.41
CA ILE F 100 24.43 -4.46 -2.04
C ILE F 100 24.81 -3.15 -1.36
N LEU F 101 24.89 -2.08 -2.15
CA LEU F 101 25.13 -0.74 -1.65
C LEU F 101 23.84 0.05 -1.73
N VAL F 102 23.41 0.60 -0.60
CA VAL F 102 22.22 1.44 -0.53
C VAL F 102 22.68 2.87 -0.23
N SER F 103 22.26 3.80 -1.07
CA SER F 103 22.63 5.21 -0.95
C SER F 103 21.36 6.04 -0.87
N LEU F 104 21.20 6.75 0.25
CA LEU F 104 20.14 7.73 0.42
C LEU F 104 20.66 9.08 -0.04
N VAL F 105 19.96 9.68 -1.01
CA VAL F 105 20.45 10.81 -1.79
C VAL F 105 19.43 11.93 -1.75
N ASP F 106 19.92 13.17 -1.67
CA ASP F 106 19.05 14.34 -1.65
C ASP F 106 18.25 14.41 -2.95
N LYS F 107 17.05 15.00 -2.86
CA LYS F 107 16.17 15.05 -4.02
C LYS F 107 16.72 15.93 -5.14
N ASP F 108 17.45 17.00 -4.78
CA ASP F 108 17.99 17.93 -5.76
C ASP F 108 19.46 17.66 -6.06
N ALA F 109 19.93 16.43 -5.86
CA ALA F 109 21.32 16.12 -6.09
C ALA F 109 21.62 16.00 -7.58
N LYS F 110 22.89 16.13 -7.92
CA LYS F 110 23.35 15.98 -9.30
C LYS F 110 23.56 14.49 -9.58
N LEU F 111 22.69 13.91 -10.41
CA LEU F 111 22.61 12.46 -10.49
C LEU F 111 23.85 11.86 -11.15
N GLY F 112 24.40 12.54 -12.16
CA GLY F 112 25.55 11.98 -12.85
C GLY F 112 26.76 11.82 -11.94
N ILE F 113 27.03 12.84 -11.14
CA ILE F 113 28.15 12.77 -10.19
C ILE F 113 27.93 11.62 -9.22
N ILE F 114 26.71 11.48 -8.70
CA ILE F 114 26.45 10.46 -7.70
C ILE F 114 26.58 9.07 -8.32
N LEU F 115 26.13 8.90 -9.56
CA LEU F 115 26.25 7.60 -10.21
C LEU F 115 27.72 7.26 -10.48
N MET F 116 28.53 8.27 -10.82
CA MET F 116 29.97 8.05 -10.92
C MET F 116 30.56 7.57 -9.60
N LEU F 117 30.30 8.31 -8.53
CA LEU F 117 30.82 7.94 -7.22
C LEU F 117 30.35 6.55 -6.82
N ILE F 118 29.10 6.20 -7.14
CA ILE F 118 28.57 4.90 -6.77
C ILE F 118 29.24 3.81 -7.59
N ASP F 119 29.50 4.07 -8.88
CA ASP F 119 30.25 3.10 -9.67
C ASP F 119 31.60 2.80 -9.05
N LYS F 120 32.32 3.86 -8.64
CA LYS F 120 33.63 3.64 -8.03
C LYS F 120 33.49 2.85 -6.73
N ALA F 121 32.56 3.24 -5.86
CA ALA F 121 32.37 2.55 -4.59
C ALA F 121 32.00 1.08 -4.82
N ILE F 122 31.18 0.81 -5.84
CA ILE F 122 30.78 -0.55 -6.14
C ILE F 122 31.99 -1.38 -6.54
N LYS F 123 32.82 -0.82 -7.44
CA LYS F 123 34.03 -1.54 -7.83
C LYS F 123 34.86 -1.90 -6.60
N GLN F 124 35.07 -0.92 -5.71
CA GLN F 124 35.88 -1.18 -4.52
C GLN F 124 35.26 -2.26 -3.64
N ILE F 125 33.96 -2.13 -3.36
CA ILE F 125 33.30 -3.08 -2.47
C ILE F 125 33.38 -4.49 -3.05
N ALA F 126 33.00 -4.64 -4.32
CA ALA F 126 33.08 -5.95 -4.97
C ALA F 126 34.50 -6.51 -4.88
N GLU F 127 35.50 -5.66 -5.06
CA GLU F 127 36.89 -6.11 -4.86
C GLU F 127 37.06 -6.70 -3.46
N LEU F 128 36.58 -6.00 -2.44
CA LEU F 128 36.83 -6.44 -1.08
C LEU F 128 36.08 -7.73 -0.73
N MET F 129 34.93 -7.97 -1.36
CA MET F 129 34.16 -9.17 -1.04
C MET F 129 34.82 -10.41 -1.63
N1 EPE G . -0.50 28.91 24.93
C2 EPE G . 0.25 29.34 26.11
C3 EPE G . 1.75 29.40 25.88
N4 EPE G . 2.05 30.13 24.66
C5 EPE G . 1.48 29.46 23.52
C6 EPE G . -0.04 29.37 23.63
C7 EPE G . 3.48 30.28 24.48
C8 EPE G . 3.74 31.65 23.87
O8 EPE G . 4.79 31.54 22.95
C9 EPE G . -0.95 27.52 24.96
C10 EPE G . -2.48 27.57 24.92
S EPE G . -3.18 25.92 25.14
O1S EPE G . -4.27 25.72 24.12
O2S EPE G . -3.93 25.82 26.44
O3S EPE G . -2.11 24.84 25.03
H21 EPE G . -0.07 30.21 26.38
H22 EPE G . 0.08 28.70 26.83
H31 EPE G . 2.11 28.51 25.81
H32 EPE G . 2.17 29.86 26.63
H51 EPE G . 1.85 28.57 23.45
H52 EPE G . 1.70 29.96 22.71
H61 EPE G . -0.36 28.74 22.97
H62 EPE G . -0.42 30.24 23.47
H71 EPE G . 3.93 30.22 25.34
H72 EPE G . 3.81 29.59 23.89
H81 EPE G . 3.98 32.29 24.57
H82 EPE G . 2.94 31.97 23.41
HO8 EPE G . 5.41 32.08 23.18
H91 EPE G . -0.61 27.05 24.19
H92 EPE G . -0.64 27.09 25.77
H101 EPE G . -2.79 28.14 25.64
H102 EPE G . -2.76 27.93 24.07
#